data_5DU2
#
_entry.id   5DU2
#
_cell.length_a   51.331
_cell.length_b   178.381
_cell.length_c   189.598
_cell.angle_alpha   90.00
_cell.angle_beta   90.00
_cell.angle_gamma   90.00
#
_symmetry.space_group_name_H-M   'I 21 21 21'
#
loop_
_entity.id
_entity.type
_entity.pdbx_description
1 polymer 'EspG2 glycosyltransferase'
2 water water
#
_entity_poly.entity_id   1
_entity_poly.type   'polypeptide(L)'
_entity_poly.pdbx_seq_one_letter_code
;MGSSHHHHHHSSGLVPRGSHMRSAAAHRIALVNVANHGSVLPTLPVVSELARRGHDVGYVTSPEYAGMVERAGATAIPYV
SGASGAAEAFADDDPARPHLLYLAENEAILRAAHAHYGEDAPDLVLYGEVPIIAGQALAAVWKRPACRINPGFASNHVYS
YSREMIEETGGVDERTRGVVDARLADLLAGYGLRDRAGEFAERVEDLNLVLIPREFQIAQDTFDERFAFVGRSAAREDRP
GTWRPPEDGSPVVLISLGTTFNDHPDFYRQCAEAFAGTPWHVVMALGDRVGAGDLGPLPPNVEAHRWVSLPAVLEHARLL
VTHGGIGAVMDALTAGRPMVVVPFTFDVKPMARRVGELGLGTVVPAAEFTGARLREAVEDLAGDRAALERVLRMREHAAR
AGGAARAADVLEAYLARER
;
_entity_poly.pdbx_strand_id   A,B
#
# COMPACT_ATOMS: atom_id res chain seq x y z
N ALA A 25 -29.26 11.45 -16.00
CA ALA A 25 -29.38 10.83 -14.68
C ALA A 25 -27.97 10.42 -14.18
N ALA A 26 -27.80 9.15 -13.77
CA ALA A 26 -26.50 8.64 -13.33
C ALA A 26 -25.71 8.18 -14.56
N HIS A 27 -24.57 8.83 -14.78
CA HIS A 27 -23.71 8.58 -15.92
C HIS A 27 -22.56 7.64 -15.57
N ARG A 28 -21.87 7.13 -16.60
CA ARG A 28 -20.69 6.29 -16.46
C ARG A 28 -19.48 7.09 -16.92
N ILE A 29 -18.49 7.30 -16.05
CA ILE A 29 -17.32 8.08 -16.42
C ILE A 29 -16.08 7.20 -16.40
N ALA A 30 -15.27 7.31 -17.44
CA ALA A 30 -13.98 6.64 -17.45
C ALA A 30 -12.94 7.73 -17.20
N LEU A 31 -12.37 7.73 -16.01
CA LEU A 31 -11.32 8.68 -15.68
C LEU A 31 -10.01 8.02 -16.04
N VAL A 32 -9.41 8.49 -17.12
CA VAL A 32 -8.17 7.93 -17.61
C VAL A 32 -7.02 8.87 -17.23
N ASN A 33 -6.10 8.35 -16.42
CA ASN A 33 -5.01 9.20 -15.97
C ASN A 33 -3.71 8.44 -15.83
N VAL A 34 -2.58 9.17 -15.81
CA VAL A 34 -1.26 8.60 -15.53
C VAL A 34 -1.23 8.42 -13.99
N ALA A 35 -0.40 7.49 -13.48
CA ALA A 35 -0.42 7.23 -12.04
C ALA A 35 0.80 7.79 -11.28
N ASN A 36 0.65 9.03 -10.80
CA ASN A 36 1.56 9.75 -9.92
C ASN A 36 0.73 10.70 -9.03
N HIS A 37 1.33 11.23 -7.94
CA HIS A 37 0.63 12.09 -6.99
C HIS A 37 0.08 13.35 -7.61
N GLY A 38 0.89 14.02 -8.42
CA GLY A 38 0.52 15.27 -9.06
C GLY A 38 -0.67 15.18 -9.99
N SER A 39 -0.89 14.01 -10.58
CA SER A 39 -1.97 13.78 -11.51
C SER A 39 -3.23 13.29 -10.80
N VAL A 40 -3.07 12.37 -9.83
CA VAL A 40 -4.17 11.67 -9.16
C VAL A 40 -4.73 12.49 -8.01
N LEU A 41 -3.87 12.97 -7.10
CA LEU A 41 -4.32 13.70 -5.92
C LEU A 41 -5.34 14.84 -6.24
N PRO A 42 -5.07 15.78 -7.19
CA PRO A 42 -6.06 16.84 -7.44
C PRO A 42 -7.40 16.39 -8.02
N THR A 43 -7.48 15.20 -8.63
CA THR A 43 -8.71 14.68 -9.24
C THR A 43 -9.65 14.06 -8.22
N LEU A 44 -9.12 13.67 -7.04
CA LEU A 44 -9.86 12.91 -6.04
C LEU A 44 -11.12 13.65 -5.49
N PRO A 45 -11.12 14.97 -5.21
CA PRO A 45 -12.38 15.61 -4.77
C PRO A 45 -13.46 15.57 -5.88
N VAL A 46 -13.04 15.63 -7.16
CA VAL A 46 -13.93 15.58 -8.33
C VAL A 46 -14.59 14.20 -8.39
N VAL A 47 -13.77 13.13 -8.27
CA VAL A 47 -14.24 11.74 -8.20
C VAL A 47 -15.33 11.61 -7.10
N SER A 48 -15.02 12.10 -5.90
CA SER A 48 -15.89 12.07 -4.73
C SER A 48 -17.24 12.76 -4.97
N GLU A 49 -17.21 13.95 -5.61
CA GLU A 49 -18.41 14.72 -5.90
C GLU A 49 -19.31 13.96 -6.89
N LEU A 50 -18.67 13.41 -7.94
CA LEU A 50 -19.35 12.62 -8.96
C LEU A 50 -19.97 11.37 -8.34
N ALA A 51 -19.20 10.64 -7.50
CA ALA A 51 -19.64 9.44 -6.80
C ALA A 51 -20.83 9.77 -5.87
N ARG A 52 -20.77 10.89 -5.13
CA ARG A 52 -21.84 11.33 -4.23
C ARG A 52 -23.15 11.57 -4.99
N ARG A 53 -23.06 12.05 -6.25
CA ARG A 53 -24.21 12.32 -7.12
C ARG A 53 -24.74 11.04 -7.80
N GLY A 54 -24.08 9.90 -7.54
CA GLY A 54 -24.46 8.59 -8.05
C GLY A 54 -23.84 8.19 -9.38
N HIS A 55 -22.82 8.92 -9.83
CA HIS A 55 -22.17 8.59 -11.09
C HIS A 55 -21.18 7.43 -10.91
N ASP A 56 -21.12 6.51 -11.89
CA ASP A 56 -20.22 5.36 -11.84
C ASP A 56 -18.91 5.75 -12.48
N VAL A 57 -17.91 6.02 -11.64
CA VAL A 57 -16.61 6.44 -12.14
C VAL A 57 -15.64 5.28 -12.13
N GLY A 58 -15.07 5.01 -13.30
CA GLY A 58 -14.04 4.01 -13.51
C GLY A 58 -12.72 4.73 -13.62
N TYR A 59 -11.81 4.49 -12.69
CA TYR A 59 -10.53 5.20 -12.69
C TYR A 59 -9.41 4.32 -13.21
N VAL A 60 -8.89 4.61 -14.39
CA VAL A 60 -7.76 3.84 -14.90
C VAL A 60 -6.49 4.32 -14.19
N THR A 61 -5.90 3.46 -13.33
CA THR A 61 -4.70 3.83 -12.55
C THR A 61 -3.81 2.62 -12.27
N SER A 62 -2.67 2.84 -11.59
CA SER A 62 -1.76 1.75 -11.27
C SER A 62 -2.23 1.06 -9.99
N PRO A 63 -1.76 -0.17 -9.68
CA PRO A 63 -2.18 -0.83 -8.44
C PRO A 63 -1.84 -0.06 -7.17
N GLU A 64 -0.78 0.77 -7.21
CA GLU A 64 -0.35 1.53 -6.05
C GLU A 64 -1.34 2.63 -5.69
N TYR A 65 -2.03 3.19 -6.69
CA TYR A 65 -3.01 4.25 -6.45
C TYR A 65 -4.46 3.69 -6.48
N ALA A 66 -4.61 2.36 -6.60
CA ALA A 66 -5.92 1.70 -6.69
C ALA A 66 -6.80 1.90 -5.44
N GLY A 67 -6.25 1.74 -4.24
CA GLY A 67 -7.01 1.96 -3.01
C GLY A 67 -7.40 3.41 -2.80
N MET A 68 -6.49 4.33 -3.16
CA MET A 68 -6.67 5.77 -3.08
C MET A 68 -7.92 6.23 -3.86
N VAL A 69 -8.01 5.83 -5.15
CA VAL A 69 -9.10 6.24 -6.03
C VAL A 69 -10.44 5.58 -5.62
N GLU A 70 -10.37 4.40 -4.99
CA GLU A 70 -11.55 3.66 -4.54
C GLU A 70 -12.12 4.25 -3.24
N ARG A 71 -11.23 4.70 -2.33
CA ARG A 71 -11.64 5.41 -1.11
C ARG A 71 -12.36 6.70 -1.54
N ALA A 72 -11.91 7.31 -2.66
CA ALA A 72 -12.53 8.52 -3.23
C ALA A 72 -13.93 8.24 -3.86
N GLY A 73 -14.31 6.96 -4.02
CA GLY A 73 -15.60 6.59 -4.57
C GLY A 73 -15.59 6.01 -5.97
N ALA A 74 -14.39 5.81 -6.55
CA ALA A 74 -14.27 5.26 -7.89
C ALA A 74 -14.11 3.73 -7.84
N THR A 75 -14.12 3.11 -9.03
CA THR A 75 -13.86 1.70 -9.28
C THR A 75 -12.50 1.69 -9.98
N ALA A 76 -11.47 1.12 -9.34
CA ALA A 76 -10.12 1.12 -9.91
C ALA A 76 -10.01 0.20 -11.10
N ILE A 77 -9.33 0.67 -12.15
CA ILE A 77 -9.04 -0.14 -13.35
C ILE A 77 -7.50 -0.20 -13.45
N PRO A 78 -6.86 -1.25 -12.90
CA PRO A 78 -5.39 -1.28 -12.89
C PRO A 78 -4.75 -1.43 -14.28
N TYR A 79 -3.59 -0.82 -14.47
CA TYR A 79 -2.81 -0.92 -15.69
C TYR A 79 -1.35 -1.12 -15.29
N VAL A 80 -0.68 -2.05 -15.99
CA VAL A 80 0.73 -2.41 -15.75
C VAL A 80 1.47 -2.52 -17.07
N SER A 81 2.71 -2.00 -17.12
CA SER A 81 3.55 -2.06 -18.33
C SER A 81 4.97 -2.52 -17.95
N GLY A 82 5.16 -3.85 -17.90
CA GLY A 82 6.43 -4.47 -17.50
C GLY A 82 6.58 -4.64 -16.00
N PHE A 90 15.26 0.06 -26.15
CA PHE A 90 16.36 -0.24 -27.05
C PHE A 90 17.64 0.49 -26.60
N ALA A 91 17.61 1.84 -26.59
CA ALA A 91 18.73 2.69 -26.17
C ALA A 91 18.44 3.30 -24.79
N ASP A 92 19.44 3.94 -24.16
CA ASP A 92 19.27 4.51 -22.82
C ASP A 92 19.53 6.04 -22.77
N ASP A 93 20.62 6.52 -23.41
CA ASP A 93 20.97 7.95 -23.45
C ASP A 93 20.15 8.71 -24.51
N ASP A 94 19.49 7.97 -25.41
CA ASP A 94 18.67 8.46 -26.51
C ASP A 94 17.68 9.58 -26.11
N PRO A 95 17.70 10.71 -26.83
CA PRO A 95 16.73 11.79 -26.56
C PRO A 95 15.28 11.39 -26.84
N ALA A 96 15.06 10.27 -27.57
CA ALA A 96 13.73 9.78 -27.89
C ALA A 96 13.14 8.93 -26.75
N ARG A 97 14.01 8.38 -25.87
CA ARG A 97 13.63 7.54 -24.73
C ARG A 97 12.46 8.12 -23.89
N PRO A 98 12.47 9.40 -23.42
CA PRO A 98 11.33 9.89 -22.63
C PRO A 98 10.00 9.87 -23.42
N HIS A 99 10.04 10.21 -24.72
CA HIS A 99 8.83 10.23 -25.54
C HIS A 99 8.27 8.82 -25.80
N LEU A 100 9.17 7.83 -25.94
CA LEU A 100 8.75 6.45 -26.18
C LEU A 100 8.13 5.85 -24.93
N LEU A 101 8.69 6.15 -23.76
CA LEU A 101 8.15 5.73 -22.46
C LEU A 101 6.75 6.36 -22.25
N TYR A 102 6.60 7.62 -22.67
CA TYR A 102 5.34 8.36 -22.63
C TYR A 102 4.29 7.64 -23.50
N LEU A 103 4.67 7.24 -24.71
CA LEU A 103 3.77 6.51 -25.62
C LEU A 103 3.46 5.10 -25.07
N ALA A 104 4.44 4.47 -24.40
CA ALA A 104 4.26 3.15 -23.80
C ALA A 104 3.21 3.23 -22.70
N GLU A 105 3.28 4.27 -21.86
CA GLU A 105 2.32 4.51 -20.79
C GLU A 105 0.94 4.79 -21.37
N ASN A 106 0.86 5.62 -22.42
CA ASN A 106 -0.39 5.94 -23.11
C ASN A 106 -1.03 4.65 -23.67
N GLU A 107 -0.22 3.75 -24.25
CA GLU A 107 -0.68 2.46 -24.80
C GLU A 107 -1.23 1.55 -23.68
N ALA A 108 -0.47 1.41 -22.58
CA ALA A 108 -0.83 0.59 -21.42
C ALA A 108 -2.17 1.03 -20.81
N ILE A 109 -2.39 2.37 -20.72
CA ILE A 109 -3.60 2.99 -20.19
C ILE A 109 -4.76 2.66 -21.13
N LEU A 110 -4.56 2.92 -22.43
CA LEU A 110 -5.50 2.72 -23.52
C LEU A 110 -6.00 1.26 -23.55
N ARG A 111 -5.09 0.30 -23.31
CA ARG A 111 -5.42 -1.11 -23.33
C ARG A 111 -6.34 -1.47 -22.17
N ALA A 112 -5.99 -1.03 -20.92
CA ALA A 112 -6.74 -1.34 -19.71
C ALA A 112 -8.18 -0.84 -19.81
N ALA A 113 -8.36 0.43 -20.24
CA ALA A 113 -9.67 1.06 -20.37
C ALA A 113 -10.54 0.34 -21.42
N HIS A 114 -9.99 0.13 -22.64
CA HIS A 114 -10.69 -0.53 -23.73
C HIS A 114 -11.16 -1.93 -23.33
N ALA A 115 -10.26 -2.71 -22.69
CA ALA A 115 -10.55 -4.07 -22.24
C ALA A 115 -11.58 -4.10 -21.11
N HIS A 116 -11.48 -3.19 -20.13
CA HIS A 116 -12.39 -3.16 -18.98
C HIS A 116 -13.87 -2.99 -19.37
N TYR A 117 -14.16 -2.01 -20.25
CA TYR A 117 -15.52 -1.68 -20.66
C TYR A 117 -16.05 -2.64 -21.71
N GLY A 118 -15.17 -3.05 -22.63
CA GLY A 118 -15.50 -3.99 -23.70
C GLY A 118 -16.51 -3.44 -24.68
N GLU A 119 -17.68 -4.09 -24.74
CA GLU A 119 -18.77 -3.71 -25.64
C GLU A 119 -19.55 -2.50 -25.14
N ASP A 120 -19.79 -2.41 -23.82
CA ASP A 120 -20.54 -1.32 -23.19
C ASP A 120 -19.59 -0.14 -22.85
N ALA A 121 -19.59 0.87 -23.72
CA ALA A 121 -18.75 2.07 -23.55
C ALA A 121 -19.31 2.99 -22.47
N PRO A 122 -18.44 3.74 -21.74
CA PRO A 122 -18.95 4.69 -20.74
C PRO A 122 -19.55 5.92 -21.43
N ASP A 123 -20.20 6.80 -20.68
CA ASP A 123 -20.83 8.00 -21.25
C ASP A 123 -19.82 9.11 -21.55
N LEU A 124 -18.75 9.20 -20.77
CA LEU A 124 -17.76 10.26 -20.93
C LEU A 124 -16.35 9.77 -20.68
N VAL A 125 -15.40 10.38 -21.38
CA VAL A 125 -13.98 10.10 -21.24
C VAL A 125 -13.34 11.28 -20.52
N LEU A 126 -13.05 11.12 -19.24
CA LEU A 126 -12.40 12.17 -18.46
C LEU A 126 -10.91 11.84 -18.39
N TYR A 127 -10.06 12.57 -19.12
CA TYR A 127 -8.64 12.22 -19.16
C TYR A 127 -7.73 13.32 -18.68
N GLY A 128 -6.66 12.93 -18.02
CA GLY A 128 -5.63 13.85 -17.54
C GLY A 128 -4.85 14.49 -18.67
N GLU A 129 -4.20 15.66 -18.41
CA GLU A 129 -3.46 16.40 -19.42
C GLU A 129 -2.15 15.70 -19.86
N VAL A 130 -1.84 14.50 -19.33
CA VAL A 130 -0.68 13.68 -19.75
C VAL A 130 -1.14 12.56 -20.73
N PRO A 131 -2.03 11.59 -20.34
CA PRO A 131 -2.42 10.54 -21.31
C PRO A 131 -3.46 11.07 -22.33
N ILE A 132 -3.08 12.07 -23.11
CA ILE A 132 -4.00 12.68 -24.06
C ILE A 132 -4.15 11.81 -25.32
N ILE A 133 -3.16 10.94 -25.62
CA ILE A 133 -3.26 10.06 -26.78
C ILE A 133 -4.29 8.96 -26.42
N ALA A 134 -4.14 8.36 -25.23
CA ALA A 134 -5.03 7.34 -24.69
C ALA A 134 -6.47 7.87 -24.58
N GLY A 135 -6.62 9.09 -24.04
CA GLY A 135 -7.92 9.71 -23.80
C GLY A 135 -8.70 9.96 -25.07
N GLN A 136 -8.04 10.57 -26.06
CA GLN A 136 -8.62 10.90 -27.36
C GLN A 136 -8.88 9.67 -28.19
N ALA A 137 -7.99 8.65 -28.13
CA ALA A 137 -8.17 7.39 -28.86
C ALA A 137 -9.43 6.68 -28.37
N LEU A 138 -9.62 6.63 -27.04
CA LEU A 138 -10.77 5.99 -26.40
C LEU A 138 -12.06 6.67 -26.81
N ALA A 139 -12.08 8.01 -26.73
CA ALA A 139 -13.24 8.84 -27.10
C ALA A 139 -13.65 8.57 -28.55
N ALA A 140 -12.66 8.49 -29.46
CA ALA A 140 -12.86 8.23 -30.89
C ALA A 140 -13.37 6.81 -31.15
N VAL A 141 -12.75 5.80 -30.48
CA VAL A 141 -13.13 4.38 -30.59
C VAL A 141 -14.59 4.22 -30.10
N TRP A 142 -14.87 4.63 -28.85
CA TRP A 142 -16.17 4.53 -28.21
C TRP A 142 -17.20 5.49 -28.79
N LYS A 143 -16.75 6.50 -29.55
CA LYS A 143 -17.60 7.54 -30.17
C LYS A 143 -18.29 8.28 -29.03
N ARG A 144 -17.50 8.81 -28.11
CA ARG A 144 -18.01 9.42 -26.89
C ARG A 144 -17.40 10.79 -26.61
N PRO A 145 -18.16 11.71 -25.96
CA PRO A 145 -17.59 13.01 -25.61
C PRO A 145 -16.45 12.86 -24.62
N ALA A 146 -15.45 13.74 -24.72
CA ALA A 146 -14.31 13.67 -23.81
C ALA A 146 -14.08 15.02 -23.14
N CYS A 147 -13.36 15.00 -22.01
CA CYS A 147 -13.02 16.17 -21.23
C CYS A 147 -11.64 15.98 -20.64
N ARG A 148 -10.78 17.00 -20.78
CA ARG A 148 -9.42 16.97 -20.26
C ARG A 148 -9.39 17.59 -18.87
N ILE A 149 -8.54 17.07 -17.97
CA ILE A 149 -8.37 17.65 -16.63
C ILE A 149 -6.95 18.22 -16.54
N ASN A 150 -6.87 19.55 -16.38
CA ASN A 150 -5.63 20.33 -16.21
C ASN A 150 -5.51 20.70 -14.74
N PRO A 151 -4.68 20.00 -13.96
CA PRO A 151 -4.57 20.33 -12.52
C PRO A 151 -3.96 21.73 -12.30
N GLY A 152 -3.04 22.12 -13.18
CA GLY A 152 -2.40 23.42 -13.18
C GLY A 152 -2.86 24.27 -14.36
N PHE A 153 -1.90 24.95 -15.06
CA PHE A 153 -2.22 25.82 -16.20
C PHE A 153 -2.87 25.09 -17.36
N ALA A 154 -3.76 25.79 -18.06
CA ALA A 154 -4.41 25.34 -19.29
C ALA A 154 -3.63 25.92 -20.45
N SER A 155 -3.60 25.21 -21.59
CA SER A 155 -2.88 25.60 -22.80
C SER A 155 -3.83 25.90 -23.97
N ASN A 156 -3.50 26.93 -24.74
CA ASN A 156 -4.20 27.31 -25.97
C ASN A 156 -3.13 27.88 -26.94
N HIS A 157 -3.56 28.61 -27.97
CA HIS A 157 -2.74 29.19 -29.03
C HIS A 157 -1.95 30.40 -28.57
N VAL A 158 -2.33 30.95 -27.44
CA VAL A 158 -1.70 32.16 -26.93
C VAL A 158 -0.64 31.78 -25.91
N TYR A 159 -1.02 30.96 -24.92
CA TYR A 159 -0.09 30.38 -23.95
C TYR A 159 -0.25 28.85 -23.89
N SER A 160 0.88 28.11 -23.85
CA SER A 160 0.81 26.66 -23.72
C SER A 160 1.88 26.15 -22.78
N TYR A 161 1.42 25.62 -21.63
CA TYR A 161 2.30 25.08 -20.60
C TYR A 161 3.16 23.93 -21.19
N SER A 162 2.57 23.11 -22.07
CA SER A 162 3.25 22.02 -22.82
C SER A 162 4.37 22.54 -23.73
N ARG A 163 4.10 23.60 -24.54
CA ARG A 163 5.10 24.19 -25.43
C ARG A 163 6.28 24.74 -24.63
N GLU A 164 6.01 25.33 -23.45
CA GLU A 164 7.06 25.85 -22.59
C GLU A 164 7.83 24.68 -22.00
N MET A 165 7.09 23.64 -21.57
CA MET A 165 7.68 22.43 -21.02
C MET A 165 8.60 21.73 -22.03
N ILE A 166 8.13 21.49 -23.27
CA ILE A 166 8.92 20.88 -24.33
C ILE A 166 10.27 21.63 -24.52
N GLU A 167 10.27 22.96 -24.61
CA GLU A 167 11.51 23.69 -24.79
C GLU A 167 12.47 23.54 -23.59
N GLU A 168 11.93 23.59 -22.35
CA GLU A 168 12.74 23.42 -21.14
C GLU A 168 13.40 22.02 -21.11
N THR A 169 12.68 20.97 -21.58
CA THR A 169 13.22 19.61 -21.70
C THR A 169 14.12 19.46 -22.96
N GLY A 170 14.52 20.59 -23.56
CA GLY A 170 15.47 20.68 -24.66
C GLY A 170 14.91 20.76 -26.07
N GLY A 171 13.58 20.63 -26.22
CA GLY A 171 12.93 20.62 -27.52
C GLY A 171 13.13 19.30 -28.24
N VAL A 172 12.70 19.20 -29.53
CA VAL A 172 12.89 17.93 -30.28
C VAL A 172 13.67 18.11 -31.59
N ASP A 173 14.68 17.26 -31.81
CA ASP A 173 15.44 17.27 -33.07
C ASP A 173 14.63 16.50 -34.14
N GLU A 174 15.01 16.67 -35.43
CA GLU A 174 14.30 16.08 -36.56
C GLU A 174 14.29 14.54 -36.48
N ARG A 175 15.44 13.94 -36.16
CA ARG A 175 15.61 12.49 -36.03
C ARG A 175 14.65 11.93 -34.97
N THR A 176 14.64 12.52 -33.75
CA THR A 176 13.77 12.17 -32.62
C THR A 176 12.27 12.34 -33.03
N ARG A 177 11.96 13.42 -33.78
CA ARG A 177 10.61 13.67 -34.24
C ARG A 177 10.10 12.53 -35.11
N GLY A 178 10.95 12.04 -36.03
CA GLY A 178 10.64 10.93 -36.93
C GLY A 178 10.36 9.62 -36.22
N VAL A 179 11.19 9.30 -35.21
CA VAL A 179 11.08 8.12 -34.37
C VAL A 179 9.72 8.12 -33.62
N VAL A 180 9.44 9.23 -32.94
CA VAL A 180 8.24 9.42 -32.13
C VAL A 180 6.97 9.49 -33.01
N ASP A 181 7.04 10.16 -34.18
CA ASP A 181 5.90 10.32 -35.09
C ASP A 181 5.43 8.98 -35.64
N ALA A 182 6.38 8.07 -35.89
CA ALA A 182 6.12 6.75 -36.42
C ALA A 182 5.50 5.84 -35.37
N ARG A 183 6.12 5.77 -34.18
CA ARG A 183 5.66 4.93 -33.08
C ARG A 183 4.26 5.38 -32.60
N LEU A 184 3.93 6.69 -32.73
CA LEU A 184 2.60 7.21 -32.42
C LEU A 184 1.57 6.67 -33.44
N ALA A 185 1.91 6.74 -34.73
CA ALA A 185 1.07 6.26 -35.82
C ALA A 185 0.86 4.74 -35.74
N ASP A 186 1.90 4.02 -35.28
CA ASP A 186 1.92 2.57 -35.09
C ASP A 186 1.00 2.23 -33.92
N LEU A 187 1.04 3.06 -32.86
CA LEU A 187 0.20 2.90 -31.68
C LEU A 187 -1.29 3.10 -32.07
N LEU A 188 -1.58 4.16 -32.84
CA LEU A 188 -2.96 4.48 -33.23
C LEU A 188 -3.46 3.56 -34.38
N ALA A 189 -2.54 2.96 -35.15
CA ALA A 189 -2.90 2.03 -36.23
C ALA A 189 -3.72 0.84 -35.71
N GLY A 190 -3.38 0.36 -34.51
CA GLY A 190 -4.05 -0.77 -33.86
C GLY A 190 -5.48 -0.50 -33.42
N TYR A 191 -5.92 0.77 -33.59
CA TYR A 191 -7.26 1.24 -33.28
C TYR A 191 -7.86 1.94 -34.51
N GLY A 192 -7.16 1.82 -35.64
CA GLY A 192 -7.54 2.39 -36.93
C GLY A 192 -7.61 3.89 -36.88
N LEU A 193 -6.60 4.55 -36.23
CA LEU A 193 -6.58 6.01 -36.03
C LEU A 193 -5.25 6.68 -36.45
N ARG A 194 -4.43 6.01 -37.28
CA ARG A 194 -3.12 6.48 -37.80
C ARG A 194 -3.20 7.89 -38.41
N ASP A 195 -4.29 8.16 -39.16
CA ASP A 195 -4.53 9.42 -39.86
C ASP A 195 -4.92 10.57 -38.91
N ARG A 196 -5.05 10.29 -37.59
CA ARG A 196 -5.42 11.28 -36.57
C ARG A 196 -4.31 11.55 -35.57
N ALA A 197 -3.07 11.13 -35.85
CA ALA A 197 -1.91 11.36 -34.96
C ALA A 197 -1.64 12.85 -34.78
N GLY A 198 -1.76 13.62 -35.87
CA GLY A 198 -1.54 15.06 -35.89
C GLY A 198 -2.49 15.84 -35.00
N GLU A 199 -3.81 15.63 -35.16
CA GLU A 199 -4.80 16.34 -34.36
C GLU A 199 -4.72 15.92 -32.89
N PHE A 200 -4.60 14.61 -32.60
CA PHE A 200 -4.49 14.16 -31.21
C PHE A 200 -3.34 14.83 -30.45
N ALA A 201 -2.23 15.12 -31.14
CA ALA A 201 -1.06 15.75 -30.52
C ALA A 201 -1.18 17.29 -30.42
N GLU A 202 -1.96 17.92 -31.28
CA GLU A 202 -2.05 19.37 -31.38
C GLU A 202 -3.38 19.99 -30.88
N ARG A 203 -4.53 19.31 -31.10
CA ARG A 203 -5.86 19.87 -30.85
C ARG A 203 -6.21 20.15 -29.38
N VAL A 204 -7.18 21.06 -29.20
CA VAL A 204 -7.73 21.50 -27.94
C VAL A 204 -9.06 20.75 -27.73
N GLU A 205 -9.22 20.15 -26.53
CA GLU A 205 -10.43 19.39 -26.18
C GLU A 205 -11.68 20.28 -26.14
N ASP A 206 -12.86 19.69 -26.45
CA ASP A 206 -14.15 20.38 -26.49
C ASP A 206 -14.56 20.88 -25.11
N LEU A 207 -13.97 20.30 -24.05
CA LEU A 207 -14.17 20.73 -22.68
C LEU A 207 -12.91 20.47 -21.87
N ASN A 208 -12.57 21.40 -20.98
CA ASN A 208 -11.40 21.27 -20.12
C ASN A 208 -11.70 21.73 -18.71
N LEU A 209 -11.50 20.84 -17.71
CA LEU A 209 -11.61 21.22 -16.31
C LEU A 209 -10.25 21.70 -15.89
N VAL A 210 -10.17 22.97 -15.51
CA VAL A 210 -8.91 23.55 -15.09
C VAL A 210 -9.01 23.74 -13.59
N LEU A 211 -8.04 23.14 -12.86
CA LEU A 211 -8.08 23.10 -11.41
C LEU A 211 -7.35 24.26 -10.74
N ILE A 212 -7.52 25.45 -11.31
CA ILE A 212 -6.98 26.70 -10.75
C ILE A 212 -8.04 27.80 -11.02
N PRO A 213 -8.09 28.92 -10.24
CA PRO A 213 -9.04 29.98 -10.58
C PRO A 213 -8.61 30.72 -11.86
N ARG A 214 -9.59 31.16 -12.67
CA ARG A 214 -9.34 31.85 -13.94
C ARG A 214 -8.29 32.95 -13.76
N GLU A 215 -8.40 33.75 -12.68
CA GLU A 215 -7.53 34.88 -12.36
C GLU A 215 -6.04 34.49 -12.20
N PHE A 216 -5.71 33.22 -11.89
CA PHE A 216 -4.31 32.83 -11.76
C PHE A 216 -3.72 32.42 -13.12
N GLN A 217 -4.59 31.98 -14.05
CA GLN A 217 -4.21 31.48 -15.38
C GLN A 217 -3.48 32.55 -16.20
N ILE A 218 -2.36 32.15 -16.83
CA ILE A 218 -1.57 33.00 -17.72
C ILE A 218 -2.42 33.28 -18.98
N ALA A 219 -2.51 34.55 -19.44
CA ALA A 219 -3.29 35.02 -20.59
C ALA A 219 -4.76 34.55 -20.49
N GLN A 220 -5.33 34.65 -19.29
CA GLN A 220 -6.65 34.11 -18.96
C GLN A 220 -7.78 34.60 -19.85
N ASP A 221 -7.75 35.85 -20.30
CA ASP A 221 -8.81 36.41 -21.14
C ASP A 221 -8.82 35.79 -22.56
N THR A 222 -7.81 34.99 -22.90
CA THR A 222 -7.73 34.37 -24.22
C THR A 222 -8.40 33.01 -24.21
N PHE A 223 -8.68 32.44 -23.01
CA PHE A 223 -9.29 31.11 -22.91
C PHE A 223 -10.80 31.19 -23.06
N ASP A 224 -11.33 30.55 -24.12
CA ASP A 224 -12.75 30.56 -24.48
C ASP A 224 -13.64 29.58 -23.66
N GLU A 225 -14.89 29.38 -24.10
CA GLU A 225 -15.95 28.54 -23.50
C GLU A 225 -15.56 27.08 -23.25
N ARG A 226 -14.55 26.55 -23.98
CA ARG A 226 -14.04 25.18 -23.83
C ARG A 226 -13.28 24.93 -22.53
N PHE A 227 -12.98 26.00 -21.75
CA PHE A 227 -12.24 25.85 -20.50
C PHE A 227 -13.07 26.28 -19.30
N ALA A 228 -13.20 25.39 -18.30
CA ALA A 228 -13.90 25.70 -17.05
C ALA A 228 -12.87 25.81 -15.95
N PHE A 229 -12.70 27.03 -15.41
CA PHE A 229 -11.72 27.26 -14.36
C PHE A 229 -12.42 27.11 -13.02
N VAL A 230 -12.49 25.86 -12.55
CA VAL A 230 -13.21 25.46 -11.32
C VAL A 230 -12.33 25.46 -10.06
N GLY A 231 -11.01 25.66 -10.21
CA GLY A 231 -10.13 25.70 -9.07
C GLY A 231 -10.01 24.38 -8.34
N ARG A 232 -10.00 24.39 -7.00
CA ARG A 232 -9.85 23.16 -6.20
C ARG A 232 -10.68 23.16 -4.93
N SER A 233 -11.07 21.96 -4.47
CA SER A 233 -11.78 21.78 -3.21
C SER A 233 -10.83 21.20 -2.16
N ALA A 234 -11.01 21.55 -0.87
CA ALA A 234 -10.19 21.03 0.23
C ALA A 234 -10.63 19.62 0.64
N THR A 242 -3.85 16.72 14.94
CA THR A 242 -2.84 16.20 14.00
C THR A 242 -1.54 17.06 14.02
N TRP A 243 -1.68 18.40 14.25
CA TRP A 243 -0.55 19.34 14.42
C TRP A 243 -0.88 20.44 15.41
N ARG A 244 0.09 20.76 16.29
CA ARG A 244 -0.09 21.80 17.30
C ARG A 244 0.95 22.92 17.11
N PRO A 245 0.46 24.17 16.99
CA PRO A 245 1.36 25.31 16.80
C PRO A 245 2.02 25.77 18.11
N PRO A 246 3.07 26.62 18.05
CA PRO A 246 3.64 27.16 19.31
C PRO A 246 2.61 28.00 20.07
N GLU A 247 2.61 27.93 21.40
CA GLU A 247 1.61 28.60 22.23
C GLU A 247 2.01 30.04 22.63
N ASP A 248 3.31 30.39 22.52
CA ASP A 248 3.87 31.69 22.92
C ASP A 248 3.46 32.87 22.02
N GLY A 249 3.05 32.57 20.79
CA GLY A 249 2.62 33.58 19.83
C GLY A 249 3.65 33.83 18.75
N SER A 250 4.68 32.97 18.67
CA SER A 250 5.75 33.03 17.69
C SER A 250 5.20 32.97 16.26
N PRO A 251 5.62 33.89 15.35
CA PRO A 251 5.17 33.83 13.95
C PRO A 251 5.69 32.56 13.29
N VAL A 252 4.82 31.87 12.54
CA VAL A 252 5.15 30.59 11.90
C VAL A 252 5.37 30.75 10.38
N VAL A 253 6.40 30.05 9.90
CA VAL A 253 6.76 29.96 8.49
C VAL A 253 6.93 28.49 8.17
N LEU A 254 6.23 28.04 7.13
CA LEU A 254 6.29 26.68 6.65
C LEU A 254 7.23 26.63 5.46
N ILE A 255 8.22 25.72 5.52
CA ILE A 255 9.21 25.54 4.47
C ILE A 255 9.07 24.13 3.89
N SER A 256 8.61 24.05 2.63
CA SER A 256 8.47 22.79 1.92
C SER A 256 8.99 22.94 0.50
N LEU A 257 10.29 22.61 0.33
CA LEU A 257 10.97 22.71 -0.95
C LEU A 257 11.03 21.34 -1.64
N GLY A 258 11.76 21.26 -2.75
CA GLY A 258 11.85 20.05 -3.56
C GLY A 258 12.59 18.86 -2.98
N THR A 259 13.07 17.98 -3.88
CA THR A 259 13.83 16.78 -3.53
C THR A 259 15.32 17.13 -3.57
N THR A 260 15.75 17.99 -2.62
CA THR A 260 17.12 18.49 -2.48
C THR A 260 17.61 18.37 -1.03
N TYR A 268 19.14 21.66 3.84
CA TYR A 268 18.26 21.64 5.01
C TYR A 268 19.04 21.96 6.29
N ARG A 269 20.10 22.78 6.15
CA ARG A 269 21.00 23.15 7.23
C ARG A 269 21.14 24.67 7.33
N GLN A 270 21.30 25.37 6.18
CA GLN A 270 21.45 26.82 6.13
C GLN A 270 20.16 27.54 6.53
N CYS A 271 19.00 26.92 6.23
CA CYS A 271 17.66 27.44 6.55
C CYS A 271 17.47 27.51 8.07
N ALA A 272 17.76 26.39 8.75
CA ALA A 272 17.70 26.25 10.20
C ALA A 272 18.68 27.21 10.88
N GLU A 273 19.91 27.32 10.32
CA GLU A 273 20.95 28.22 10.83
C GLU A 273 20.58 29.70 10.58
N ALA A 274 19.77 29.97 9.53
CA ALA A 274 19.31 31.32 9.18
C ALA A 274 18.30 31.84 10.18
N PHE A 275 17.30 31.01 10.53
CA PHE A 275 16.24 31.41 11.45
C PHE A 275 16.61 31.19 12.93
N ALA A 276 17.83 30.69 13.21
CA ALA A 276 18.33 30.51 14.57
C ALA A 276 18.48 31.88 15.25
N GLY A 277 17.91 32.00 16.45
CA GLY A 277 17.94 33.24 17.22
C GLY A 277 16.89 34.27 16.87
N THR A 278 16.12 34.00 15.79
CA THR A 278 15.04 34.87 15.32
C THR A 278 13.74 34.51 16.06
N PRO A 279 12.71 35.40 16.09
CA PRO A 279 11.47 35.04 16.80
C PRO A 279 10.56 34.09 16.01
N TRP A 280 11.00 33.67 14.81
CA TRP A 280 10.24 32.78 13.94
C TRP A 280 10.19 31.35 14.45
N HIS A 281 9.05 30.69 14.23
CA HIS A 281 8.88 29.25 14.43
C HIS A 281 8.87 28.64 13.02
N VAL A 282 9.86 27.78 12.75
CA VAL A 282 10.06 27.20 11.42
C VAL A 282 9.61 25.76 11.38
N VAL A 283 8.65 25.47 10.50
CA VAL A 283 8.17 24.11 10.28
C VAL A 283 8.78 23.68 8.96
N MET A 284 9.59 22.60 8.97
CA MET A 284 10.28 22.12 7.79
C MET A 284 9.83 20.74 7.35
N ALA A 285 9.75 20.52 6.02
CA ALA A 285 9.46 19.23 5.40
C ALA A 285 10.63 18.83 4.49
N LEU A 286 11.13 17.57 4.60
CA LEU A 286 12.23 16.98 3.79
C LEU A 286 12.46 15.49 4.14
N GLY A 287 13.06 14.73 3.22
CA GLY A 287 13.33 13.30 3.41
C GLY A 287 14.78 12.96 3.61
N PRO A 297 20.86 18.84 16.26
CA PRO A 297 21.57 19.88 15.50
C PRO A 297 20.69 21.10 15.19
N LEU A 298 19.35 20.94 15.28
CA LEU A 298 18.37 21.99 14.99
C LEU A 298 18.24 22.98 16.13
N PRO A 299 18.00 24.29 15.83
CA PRO A 299 17.73 25.25 16.92
C PRO A 299 16.35 24.95 17.56
N PRO A 300 16.04 25.43 18.78
CA PRO A 300 14.74 25.08 19.40
C PRO A 300 13.51 25.57 18.64
N ASN A 301 13.64 26.68 17.89
CA ASN A 301 12.54 27.30 17.14
C ASN A 301 12.29 26.63 15.77
N VAL A 302 13.21 25.75 15.34
CA VAL A 302 13.08 25.05 14.06
C VAL A 302 12.58 23.61 14.29
N GLU A 303 11.44 23.30 13.67
CA GLU A 303 10.72 22.02 13.71
C GLU A 303 10.90 21.29 12.39
N ALA A 304 11.25 19.99 12.43
CA ALA A 304 11.45 19.22 11.19
C ALA A 304 10.67 17.92 11.17
N HIS A 305 10.08 17.60 10.02
CA HIS A 305 9.28 16.41 9.76
C HIS A 305 9.52 15.90 8.36
N ARG A 306 9.40 14.59 8.13
CA ARG A 306 9.59 14.03 6.79
C ARG A 306 8.43 14.51 5.89
N TRP A 307 7.18 14.36 6.39
CA TRP A 307 5.96 14.77 5.73
C TRP A 307 5.15 15.69 6.64
N VAL A 308 4.47 16.69 6.04
CA VAL A 308 3.65 17.68 6.72
C VAL A 308 2.38 17.98 5.89
N SER A 309 1.22 18.16 6.56
CA SER A 309 -0.01 18.56 5.89
C SER A 309 0.01 20.08 5.72
N LEU A 310 0.41 20.54 4.50
CA LEU A 310 0.52 21.96 4.16
C LEU A 310 -0.75 22.74 4.55
N PRO A 311 -1.98 22.31 4.17
CA PRO A 311 -3.17 23.08 4.57
C PRO A 311 -3.38 23.19 6.09
N ALA A 312 -3.03 22.15 6.85
CA ALA A 312 -3.17 22.13 8.31
C ALA A 312 -2.23 23.14 8.98
N VAL A 313 -0.98 23.20 8.52
CA VAL A 313 0.03 24.11 9.08
C VAL A 313 -0.24 25.55 8.62
N LEU A 314 -0.62 25.75 7.33
CA LEU A 314 -0.92 27.09 6.77
C LEU A 314 -2.10 27.79 7.49
N GLU A 315 -2.92 27.03 8.24
CA GLU A 315 -4.01 27.60 9.02
C GLU A 315 -3.41 28.44 10.18
N HIS A 316 -2.14 28.17 10.56
CA HIS A 316 -1.44 28.86 11.65
C HIS A 316 -0.20 29.63 11.20
N ALA A 317 0.20 29.47 9.96
CA ALA A 317 1.43 30.10 9.47
C ALA A 317 1.11 31.29 8.61
N ARG A 318 1.95 32.33 8.65
CA ARG A 318 1.62 33.51 7.85
C ARG A 318 2.29 33.50 6.49
N LEU A 319 3.21 32.54 6.26
CA LEU A 319 3.94 32.49 5.01
C LEU A 319 4.39 31.08 4.67
N LEU A 320 4.39 30.75 3.35
CA LEU A 320 4.86 29.47 2.84
C LEU A 320 6.12 29.66 1.98
N VAL A 321 7.17 28.88 2.25
CA VAL A 321 8.36 28.87 1.41
C VAL A 321 8.23 27.61 0.57
N THR A 322 8.00 27.78 -0.74
CA THR A 322 7.69 26.66 -1.62
C THR A 322 8.64 26.55 -2.81
N HIS A 323 8.72 25.32 -3.36
CA HIS A 323 9.49 24.99 -4.55
C HIS A 323 8.73 25.46 -5.81
N GLY A 324 7.42 25.72 -5.68
CA GLY A 324 6.59 26.24 -6.76
C GLY A 324 5.51 25.36 -7.37
N GLY A 325 5.38 24.12 -6.87
CA GLY A 325 4.37 23.18 -7.35
C GLY A 325 2.97 23.73 -7.26
N ILE A 326 2.14 23.54 -8.29
CA ILE A 326 0.79 24.10 -8.35
C ILE A 326 -0.08 23.64 -7.15
N GLY A 327 0.13 22.42 -6.65
CA GLY A 327 -0.57 21.90 -5.48
C GLY A 327 -0.27 22.69 -4.21
N ALA A 328 1.00 23.06 -4.02
CA ALA A 328 1.49 23.86 -2.90
C ALA A 328 1.07 25.34 -3.04
N VAL A 329 1.19 25.90 -4.26
CA VAL A 329 0.78 27.27 -4.60
C VAL A 329 -0.72 27.39 -4.33
N MET A 330 -1.50 26.44 -4.82
CA MET A 330 -2.94 26.40 -4.58
C MET A 330 -3.24 26.33 -3.09
N ASP A 331 -2.43 25.59 -2.31
CA ASP A 331 -2.63 25.46 -0.86
C ASP A 331 -2.50 26.83 -0.21
N ALA A 332 -1.39 27.55 -0.49
CA ALA A 332 -1.15 28.90 0.00
C ALA A 332 -2.28 29.86 -0.39
N LEU A 333 -2.68 29.83 -1.66
CA LEU A 333 -3.77 30.65 -2.19
C LEU A 333 -5.06 30.42 -1.46
N THR A 334 -5.42 29.16 -1.17
CA THR A 334 -6.64 28.78 -0.45
C THR A 334 -6.56 29.25 1.00
N ALA A 335 -5.35 29.22 1.57
CA ALA A 335 -5.14 29.62 2.97
C ALA A 335 -4.99 31.16 3.09
N GLY A 336 -4.82 31.83 1.95
CA GLY A 336 -4.65 33.28 1.91
C GLY A 336 -3.30 33.66 2.47
N ARG A 337 -2.25 32.91 2.09
CA ARG A 337 -0.91 33.19 2.59
C ARG A 337 0.05 33.53 1.46
N PRO A 338 0.83 34.63 1.58
CA PRO A 338 1.84 34.91 0.55
C PRO A 338 2.93 33.85 0.57
N MET A 339 3.65 33.72 -0.53
CA MET A 339 4.69 32.70 -0.55
C MET A 339 6.01 33.20 -1.11
N VAL A 340 7.09 32.54 -0.71
CA VAL A 340 8.44 32.77 -1.24
C VAL A 340 8.71 31.55 -2.10
N VAL A 341 8.84 31.74 -3.42
CA VAL A 341 9.06 30.65 -4.36
C VAL A 341 10.55 30.55 -4.73
N VAL A 342 11.11 29.35 -4.60
CA VAL A 342 12.48 29.05 -4.98
C VAL A 342 12.37 27.96 -6.05
N PRO A 343 12.39 28.35 -7.36
CA PRO A 343 12.20 27.36 -8.42
C PRO A 343 13.48 26.60 -8.80
N PHE A 344 13.64 25.39 -8.26
CA PHE A 344 14.79 24.52 -8.53
C PHE A 344 14.64 23.72 -9.83
N THR A 345 13.39 23.39 -10.20
CA THR A 345 13.06 22.57 -11.38
C THR A 345 12.41 23.43 -12.46
N PHE A 346 12.50 23.02 -13.72
CA PHE A 346 11.97 23.83 -14.82
C PHE A 346 10.43 23.91 -14.83
N ASP A 347 9.76 22.86 -14.32
CA ASP A 347 8.31 22.71 -14.41
C ASP A 347 7.56 23.74 -13.62
N VAL A 348 8.21 24.32 -12.62
CA VAL A 348 7.57 25.28 -11.69
C VAL A 348 7.85 26.73 -12.10
N LYS A 349 8.75 26.93 -13.09
CA LYS A 349 9.14 28.24 -13.67
C LYS A 349 7.92 29.08 -14.10
N PRO A 350 6.90 28.52 -14.82
CA PRO A 350 5.70 29.33 -15.11
C PRO A 350 4.95 29.76 -13.85
N MET A 351 4.82 28.88 -12.83
CA MET A 351 4.12 29.21 -11.57
C MET A 351 4.86 30.27 -10.82
N ALA A 352 6.20 30.12 -10.72
CA ALA A 352 7.08 31.08 -10.06
C ALA A 352 6.94 32.46 -10.70
N ARG A 353 6.95 32.50 -12.04
CA ARG A 353 6.81 33.72 -12.82
C ARG A 353 5.42 34.35 -12.55
N ARG A 354 4.37 33.51 -12.51
CA ARG A 354 3.00 33.97 -12.28
C ARG A 354 2.78 34.52 -10.84
N VAL A 355 3.38 33.87 -9.81
CA VAL A 355 3.24 34.34 -8.42
C VAL A 355 3.85 35.75 -8.32
N GLY A 356 5.03 35.90 -8.92
CA GLY A 356 5.75 37.15 -8.99
C GLY A 356 4.99 38.25 -9.71
N GLU A 357 4.54 37.99 -10.95
CA GLU A 357 3.85 39.04 -11.72
C GLU A 357 2.50 39.45 -11.12
N LEU A 358 1.85 38.58 -10.31
CA LEU A 358 0.57 38.95 -9.69
C LEU A 358 0.78 39.58 -8.29
N GLY A 359 2.02 39.58 -7.82
CA GLY A 359 2.40 40.12 -6.52
C GLY A 359 1.86 39.29 -5.38
N LEU A 360 1.77 37.97 -5.59
CA LEU A 360 1.27 37.05 -4.57
C LEU A 360 2.42 36.52 -3.71
N GLY A 361 3.63 36.94 -4.04
CA GLY A 361 4.83 36.55 -3.32
C GLY A 361 6.11 37.00 -3.98
N THR A 362 7.23 36.44 -3.51
CA THR A 362 8.58 36.79 -3.95
C THR A 362 9.26 35.56 -4.54
N VAL A 363 10.01 35.77 -5.61
CA VAL A 363 10.71 34.68 -6.25
C VAL A 363 12.20 34.82 -5.94
N VAL A 364 12.78 33.82 -5.25
CA VAL A 364 14.21 33.78 -4.96
C VAL A 364 14.82 32.76 -5.93
N PRO A 365 15.64 33.21 -6.92
CA PRO A 365 16.23 32.23 -7.87
C PRO A 365 17.12 31.22 -7.15
N ALA A 366 17.10 29.95 -7.61
CA ALA A 366 17.88 28.86 -7.02
C ALA A 366 19.39 29.16 -6.98
N ALA A 367 19.87 29.97 -7.94
CA ALA A 367 21.28 30.39 -8.00
C ALA A 367 21.62 31.40 -6.91
N GLU A 368 20.62 32.20 -6.50
CA GLU A 368 20.77 33.26 -5.50
C GLU A 368 20.35 32.81 -4.10
N PHE A 369 19.93 31.54 -3.95
CA PHE A 369 19.45 31.03 -2.67
C PHE A 369 20.57 30.77 -1.67
N THR A 370 20.45 31.42 -0.51
CA THR A 370 21.28 31.29 0.69
C THR A 370 20.34 31.42 1.88
N GLY A 371 20.81 31.05 3.06
CA GLY A 371 20.03 31.17 4.29
C GLY A 371 19.56 32.58 4.55
N ALA A 372 20.48 33.55 4.41
CA ALA A 372 20.28 34.99 4.59
C ALA A 372 19.20 35.54 3.65
N ARG A 373 19.29 35.26 2.34
CA ARG A 373 18.32 35.73 1.34
C ARG A 373 16.91 35.23 1.66
N LEU A 374 16.79 33.97 2.11
CA LEU A 374 15.50 33.40 2.49
C LEU A 374 14.89 34.18 3.67
N ARG A 375 15.69 34.31 4.76
CA ARG A 375 15.36 35.06 5.98
C ARG A 375 14.96 36.51 5.62
N GLU A 376 15.67 37.12 4.66
CA GLU A 376 15.40 38.46 4.14
C GLU A 376 14.06 38.51 3.39
N ALA A 377 13.82 37.54 2.49
CA ALA A 377 12.57 37.46 1.73
C ALA A 377 11.37 37.27 2.66
N VAL A 378 11.49 36.32 3.63
CA VAL A 378 10.45 35.95 4.61
C VAL A 378 10.02 37.16 5.46
N GLU A 379 10.97 37.87 6.10
CA GLU A 379 10.64 39.03 6.95
C GLU A 379 10.12 40.24 6.13
N ASP A 380 10.54 40.35 4.87
CA ASP A 380 10.09 41.43 3.99
C ASP A 380 8.65 41.23 3.55
N LEU A 381 8.34 40.02 3.03
CA LEU A 381 7.01 39.65 2.54
C LEU A 381 5.99 39.50 3.69
N ALA A 382 6.45 39.10 4.89
CA ALA A 382 5.60 38.92 6.08
C ALA A 382 5.01 40.24 6.57
N GLY A 383 5.79 41.31 6.48
CA GLY A 383 5.34 42.65 6.86
C GLY A 383 4.76 43.46 5.72
N ASP A 384 4.52 42.82 4.54
CA ASP A 384 3.98 43.49 3.36
C ASP A 384 2.44 43.37 3.34
N ARG A 385 1.77 44.49 3.65
CA ARG A 385 0.31 44.59 3.69
C ARG A 385 -0.27 44.51 2.26
N ALA A 386 0.43 45.10 1.26
CA ALA A 386 0.00 45.15 -0.15
C ALA A 386 -0.09 43.74 -0.72
N ALA A 387 0.97 42.93 -0.52
CA ALA A 387 1.00 41.55 -0.95
C ALA A 387 -0.13 40.79 -0.26
N LEU A 388 -0.30 40.94 1.08
CA LEU A 388 -1.35 40.25 1.84
C LEU A 388 -2.73 40.54 1.26
N GLU A 389 -3.03 41.79 0.92
CA GLU A 389 -4.32 42.17 0.35
C GLU A 389 -4.54 41.44 -1.00
N ARG A 390 -3.49 41.39 -1.84
CA ARG A 390 -3.58 40.70 -3.15
C ARG A 390 -3.82 39.20 -3.00
N VAL A 391 -3.18 38.58 -1.98
CA VAL A 391 -3.29 37.16 -1.70
C VAL A 391 -4.69 36.86 -1.21
N LEU A 392 -5.21 37.66 -0.27
CA LEU A 392 -6.56 37.46 0.26
C LEU A 392 -7.60 37.61 -0.86
N ARG A 393 -7.38 38.56 -1.78
CA ARG A 393 -8.26 38.80 -2.94
C ARG A 393 -8.23 37.57 -3.87
N MET A 394 -7.03 36.97 -4.06
CA MET A 394 -6.81 35.76 -4.84
C MET A 394 -7.49 34.58 -4.16
N ARG A 395 -7.53 34.58 -2.81
CA ARG A 395 -8.20 33.53 -2.04
C ARG A 395 -9.70 33.57 -2.33
N GLU A 396 -10.27 34.78 -2.45
CA GLU A 396 -11.69 34.92 -2.75
C GLU A 396 -11.96 34.35 -4.14
N HIS A 397 -11.09 34.66 -5.13
CA HIS A 397 -11.19 34.14 -6.51
C HIS A 397 -11.19 32.61 -6.50
N ALA A 398 -10.24 32.01 -5.77
CA ALA A 398 -10.09 30.56 -5.62
C ALA A 398 -11.36 29.95 -5.02
N ALA A 399 -11.96 30.59 -4.01
CA ALA A 399 -13.18 30.12 -3.35
C ALA A 399 -14.39 30.24 -4.27
N ARG A 400 -14.43 31.27 -5.13
CA ARG A 400 -15.50 31.57 -6.09
C ARG A 400 -15.43 30.70 -7.34
N ALA A 401 -14.30 30.01 -7.57
CA ALA A 401 -14.06 29.15 -8.72
C ALA A 401 -15.10 28.01 -8.84
N GLY A 402 -15.60 27.54 -7.72
CA GLY A 402 -16.64 26.53 -7.71
C GLY A 402 -16.23 25.18 -7.19
N GLY A 403 -14.94 24.88 -7.24
CA GLY A 403 -14.39 23.61 -6.78
C GLY A 403 -15.01 22.39 -7.44
N ALA A 404 -14.90 21.23 -6.76
CA ALA A 404 -15.42 19.95 -7.20
C ALA A 404 -16.94 20.00 -7.45
N ALA A 405 -17.69 20.80 -6.69
CA ALA A 405 -19.13 20.89 -6.87
C ALA A 405 -19.48 21.44 -8.26
N ARG A 406 -18.85 22.57 -8.68
CA ARG A 406 -19.07 23.17 -10.00
C ARG A 406 -18.53 22.24 -11.09
N ALA A 407 -17.35 21.58 -10.87
CA ALA A 407 -16.79 20.66 -11.86
C ALA A 407 -17.84 19.59 -12.25
N ALA A 408 -18.51 19.01 -11.24
CA ALA A 408 -19.57 18.04 -11.43
C ALA A 408 -20.76 18.67 -12.19
N ASP A 409 -21.20 19.89 -11.77
CA ASP A 409 -22.25 20.66 -12.44
C ASP A 409 -21.90 20.91 -13.93
N VAL A 410 -20.61 21.22 -14.24
CA VAL A 410 -20.09 21.47 -15.58
C VAL A 410 -20.17 20.17 -16.38
N LEU A 411 -19.62 19.06 -15.80
CA LEU A 411 -19.57 17.75 -16.45
C LEU A 411 -20.96 17.21 -16.74
N GLU A 412 -21.92 17.46 -15.82
CA GLU A 412 -23.31 17.04 -16.04
C GLU A 412 -23.95 17.86 -17.15
N ALA A 413 -23.67 19.17 -17.18
CA ALA A 413 -24.19 20.08 -18.20
C ALA A 413 -23.68 19.68 -19.61
N TYR A 414 -22.38 19.33 -19.70
CA TYR A 414 -21.72 18.87 -20.92
C TYR A 414 -22.40 17.61 -21.48
N LEU A 415 -22.66 16.62 -20.60
CA LEU A 415 -23.28 15.36 -20.98
C LEU A 415 -24.77 15.49 -21.28
N ALA A 416 -25.41 16.60 -20.83
CA ALA A 416 -26.83 16.87 -21.08
C ALA A 416 -27.05 17.27 -22.55
N ARG A 417 -26.04 16.94 -23.39
CA ARG A 417 -25.97 17.15 -24.84
C ARG A 417 -25.96 18.64 -25.16
N GLU A 418 -25.46 19.46 -24.20
CA GLU A 418 -25.35 20.90 -24.36
C GLU A 418 -24.08 21.29 -25.11
N ARG A 419 -23.17 20.29 -25.35
CA ARG A 419 -21.91 20.50 -26.05
C ARG A 419 -21.39 19.21 -26.71
N ALA B 24 -24.76 -14.07 24.02
CA ALA B 24 -25.90 -14.80 24.59
C ALA B 24 -25.52 -15.38 25.96
N ALA B 25 -24.36 -16.04 26.04
CA ALA B 25 -23.79 -16.62 27.25
C ALA B 25 -22.30 -16.33 27.30
N ALA B 26 -21.77 -15.90 28.46
CA ALA B 26 -20.34 -15.60 28.60
C ALA B 26 -19.57 -16.86 29.00
N HIS B 27 -18.60 -17.27 28.17
CA HIS B 27 -17.81 -18.48 28.41
C HIS B 27 -16.35 -18.19 28.83
N ARG B 28 -15.70 -19.21 29.42
CA ARG B 28 -14.29 -19.14 29.82
C ARG B 28 -13.47 -19.92 28.81
N ILE B 29 -12.52 -19.24 28.15
CA ILE B 29 -11.69 -19.90 27.15
C ILE B 29 -10.25 -19.96 27.62
N ALA B 30 -9.63 -21.12 27.49
CA ALA B 30 -8.21 -21.25 27.73
C ALA B 30 -7.53 -21.33 26.37
N LEU B 31 -6.87 -20.24 25.97
CA LEU B 31 -6.13 -20.22 24.72
C LEU B 31 -4.73 -20.68 25.01
N VAL B 32 -4.44 -21.92 24.60
CA VAL B 32 -3.14 -22.53 24.86
C VAL B 32 -2.31 -22.46 23.58
N ASN B 33 -1.20 -21.74 23.64
CA ASN B 33 -0.39 -21.58 22.43
C ASN B 33 1.09 -21.53 22.75
N VAL B 34 1.93 -21.80 21.73
CA VAL B 34 3.38 -21.64 21.85
C VAL B 34 3.65 -20.12 21.75
N ALA B 35 4.77 -19.61 22.30
CA ALA B 35 5.01 -18.17 22.29
C ALA B 35 6.07 -17.71 21.29
N ASN B 36 5.60 -17.39 20.08
CA ASN B 36 6.36 -16.77 18.98
C ASN B 36 5.38 -15.91 18.16
N HIS B 37 5.91 -15.03 17.31
CA HIS B 37 5.10 -14.10 16.51
C HIS B 37 4.11 -14.81 15.60
N GLY B 38 4.60 -15.82 14.86
CA GLY B 38 3.80 -16.57 13.90
C GLY B 38 2.61 -17.28 14.50
N SER B 39 2.69 -17.64 15.78
CA SER B 39 1.62 -18.35 16.46
C SER B 39 0.66 -17.41 17.15
N VAL B 40 1.19 -16.36 17.81
CA VAL B 40 0.44 -15.43 18.63
C VAL B 40 -0.23 -14.33 17.80
N LEU B 41 0.54 -13.65 16.94
CA LEU B 41 0.03 -12.54 16.15
C LEU B 41 -1.32 -12.87 15.43
N PRO B 42 -1.45 -13.97 14.65
CA PRO B 42 -2.73 -14.23 13.98
C PRO B 42 -3.93 -14.52 14.90
N THR B 43 -3.70 -14.92 16.16
CA THR B 43 -4.77 -15.23 17.11
C THR B 43 -5.37 -14.00 17.78
N LEU B 44 -4.63 -12.88 17.76
CA LEU B 44 -5.00 -11.65 18.49
C LEU B 44 -6.35 -11.05 18.03
N PRO B 45 -6.72 -10.98 16.74
CA PRO B 45 -8.05 -10.45 16.40
C PRO B 45 -9.20 -11.35 16.95
N VAL B 46 -8.95 -12.68 17.04
CA VAL B 46 -9.91 -13.66 17.54
C VAL B 46 -10.12 -13.42 19.02
N VAL B 47 -9.01 -13.27 19.78
CA VAL B 47 -9.04 -12.92 21.21
C VAL B 47 -9.90 -11.68 21.42
N SER B 48 -9.63 -10.61 20.64
CA SER B 48 -10.32 -9.32 20.69
C SER B 48 -11.83 -9.45 20.47
N GLU B 49 -12.22 -10.25 19.46
CA GLU B 49 -13.62 -10.45 19.11
C GLU B 49 -14.35 -11.16 20.26
N LEU B 50 -13.71 -12.21 20.80
CA LEU B 50 -14.23 -12.99 21.92
C LEU B 50 -14.35 -12.09 23.17
N ALA B 51 -13.30 -11.31 23.48
CA ALA B 51 -13.30 -10.37 24.60
C ALA B 51 -14.42 -9.31 24.46
N ARG B 52 -14.61 -8.76 23.24
CA ARG B 52 -15.66 -7.77 22.96
C ARG B 52 -17.06 -8.34 23.24
N ARG B 53 -17.25 -9.65 23.00
CA ARG B 53 -18.52 -10.35 23.22
C ARG B 53 -18.71 -10.77 24.70
N GLY B 54 -17.72 -10.44 25.54
CA GLY B 54 -17.74 -10.71 26.98
C GLY B 54 -17.14 -12.03 27.46
N HIS B 55 -16.46 -12.76 26.58
CA HIS B 55 -15.88 -14.04 27.01
C HIS B 55 -14.57 -13.80 27.78
N ASP B 56 -14.31 -14.66 28.79
CA ASP B 56 -13.10 -14.57 29.62
C ASP B 56 -12.05 -15.45 29.01
N VAL B 57 -11.11 -14.83 28.31
CA VAL B 57 -10.06 -15.60 27.64
C VAL B 57 -8.77 -15.59 28.48
N GLY B 58 -8.29 -16.77 28.80
CA GLY B 58 -7.03 -17.00 29.47
C GLY B 58 -6.00 -17.43 28.43
N TYR B 59 -4.97 -16.62 28.22
CA TYR B 59 -3.98 -16.91 27.19
C TYR B 59 -2.71 -17.47 27.79
N VAL B 60 -2.43 -18.76 27.56
CA VAL B 60 -1.17 -19.33 28.06
C VAL B 60 -0.05 -18.89 27.12
N THR B 61 0.87 -18.03 27.61
CA THR B 61 1.95 -17.51 26.78
C THR B 61 3.20 -17.21 27.62
N SER B 62 4.28 -16.75 26.96
CA SER B 62 5.50 -16.40 27.68
C SER B 62 5.38 -14.96 28.22
N PRO B 63 6.23 -14.55 29.19
CA PRO B 63 6.14 -13.17 29.70
C PRO B 63 6.38 -12.09 28.65
N GLU B 64 7.13 -12.41 27.59
CA GLU B 64 7.44 -11.47 26.51
C GLU B 64 6.20 -11.11 25.69
N TYR B 65 5.27 -12.07 25.53
CA TYR B 65 4.04 -11.85 24.77
C TYR B 65 2.85 -11.56 25.70
N ALA B 66 3.09 -11.48 27.02
CA ALA B 66 2.05 -11.25 28.03
C ALA B 66 1.28 -9.92 27.84
N GLY B 67 1.97 -8.81 27.60
CA GLY B 67 1.32 -7.52 27.38
C GLY B 67 0.54 -7.47 26.07
N MET B 68 1.09 -8.11 25.04
CA MET B 68 0.48 -8.21 23.71
C MET B 68 -0.93 -8.86 23.79
N VAL B 69 -1.02 -10.04 24.42
CA VAL B 69 -2.27 -10.79 24.52
C VAL B 69 -3.29 -10.09 25.43
N GLU B 70 -2.80 -9.31 26.42
CA GLU B 70 -3.65 -8.58 27.35
C GLU B 70 -4.23 -7.32 26.70
N ARG B 71 -3.45 -6.63 25.86
CA ARG B 71 -3.93 -5.48 25.10
C ARG B 71 -5.03 -5.96 24.17
N ALA B 72 -4.92 -7.23 23.67
CA ALA B 72 -5.93 -7.87 22.83
C ALA B 72 -7.22 -8.23 23.60
N GLY B 73 -7.20 -8.16 24.93
CA GLY B 73 -8.38 -8.44 25.75
C GLY B 73 -8.33 -9.73 26.56
N ALA B 74 -7.18 -10.44 26.52
CA ALA B 74 -7.03 -11.67 27.28
C ALA B 74 -6.41 -11.43 28.65
N THR B 75 -6.33 -12.49 29.47
CA THR B 75 -5.68 -12.57 30.77
C THR B 75 -4.47 -13.46 30.55
N ALA B 76 -3.25 -12.91 30.68
CA ALA B 76 -2.02 -13.68 30.42
C ALA B 76 -1.76 -14.75 31.47
N ILE B 77 -1.37 -15.95 31.02
CA ILE B 77 -0.98 -17.07 31.90
C ILE B 77 0.46 -17.41 31.53
N PRO B 78 1.47 -16.86 32.26
CA PRO B 78 2.86 -17.07 31.86
C PRO B 78 3.37 -18.51 32.05
N TYR B 79 4.26 -18.94 31.15
CA TYR B 79 4.92 -20.24 31.22
C TYR B 79 6.40 -20.08 30.87
N VAL B 80 7.24 -21.03 31.30
CA VAL B 80 8.68 -21.01 31.02
C VAL B 80 8.93 -21.55 29.58
N SER B 81 9.36 -20.65 28.68
CA SER B 81 9.57 -20.98 27.27
C SER B 81 11.03 -21.27 26.91
N GLY B 82 11.22 -22.14 25.92
CA GLY B 82 12.51 -22.51 25.36
C GLY B 82 12.51 -22.35 23.86
N ALA B 83 11.54 -21.58 23.34
CA ALA B 83 11.31 -21.31 21.92
C ALA B 83 12.40 -20.39 21.31
N SER B 84 13.17 -19.69 22.18
CA SER B 84 14.28 -18.83 21.77
C SER B 84 15.44 -19.68 21.25
N GLY B 85 15.62 -20.85 21.87
CA GLY B 85 16.62 -21.83 21.48
C GLY B 85 16.07 -22.81 20.47
N ALA B 86 15.56 -22.30 19.35
CA ALA B 86 14.99 -23.09 18.28
C ALA B 86 16.04 -23.39 17.21
N ALA B 87 16.76 -22.35 16.73
CA ALA B 87 17.80 -22.45 15.70
C ALA B 87 19.02 -23.24 16.19
N GLU B 88 19.38 -23.09 17.48
CA GLU B 88 20.49 -23.80 18.11
C GLU B 88 20.10 -25.25 18.47
N ALA B 89 18.83 -25.62 18.22
CA ALA B 89 18.33 -26.98 18.48
C ALA B 89 18.19 -27.76 17.18
N PHE B 90 17.79 -27.06 16.09
CA PHE B 90 17.59 -27.62 14.77
C PHE B 90 18.92 -27.94 14.10
N ALA B 91 19.75 -26.91 13.89
CA ALA B 91 21.04 -27.01 13.21
C ALA B 91 22.09 -27.82 13.98
N ASP B 92 21.97 -27.92 15.31
CA ASP B 92 22.98 -28.60 16.13
C ASP B 92 22.71 -30.10 16.39
N ASP B 93 23.75 -30.90 16.11
CA ASP B 93 23.93 -32.33 16.32
C ASP B 93 22.66 -33.20 16.16
N ASP B 94 22.14 -33.74 17.28
CA ASP B 94 21.06 -34.73 17.37
C ASP B 94 19.82 -34.43 16.52
N PRO B 95 19.33 -35.42 15.74
CA PRO B 95 18.11 -35.20 14.93
C PRO B 95 16.84 -35.23 15.79
N ALA B 96 16.90 -35.87 16.98
CA ALA B 96 15.78 -36.00 17.91
C ALA B 96 15.60 -34.74 18.78
N ARG B 97 16.64 -33.85 18.80
CA ARG B 97 16.68 -32.60 19.57
C ARG B 97 15.45 -31.69 19.32
N PRO B 98 15.08 -31.34 18.06
CA PRO B 98 13.90 -30.47 17.86
C PRO B 98 12.61 -31.09 18.40
N HIS B 99 12.42 -32.42 18.28
CA HIS B 99 11.21 -33.08 18.76
C HIS B 99 11.13 -33.09 20.28
N LEU B 100 12.28 -33.23 20.97
CA LEU B 100 12.31 -33.26 22.43
C LEU B 100 12.05 -31.87 23.00
N LEU B 101 12.59 -30.83 22.35
CA LEU B 101 12.35 -29.44 22.74
C LEU B 101 10.86 -29.11 22.57
N TYR B 102 10.25 -29.65 21.50
CA TYR B 102 8.82 -29.51 21.20
C TYR B 102 8.00 -30.13 22.34
N LEU B 103 8.39 -31.33 22.81
CA LEU B 103 7.70 -32.01 23.91
C LEU B 103 7.92 -31.27 25.25
N ALA B 104 9.11 -30.66 25.41
CA ALA B 104 9.42 -29.87 26.61
C ALA B 104 8.52 -28.64 26.68
N GLU B 105 8.33 -27.96 25.54
CA GLU B 105 7.46 -26.80 25.44
C GLU B 105 6.00 -27.19 25.69
N ASN B 106 5.55 -28.33 25.13
CA ASN B 106 4.21 -28.86 25.35
C ASN B 106 3.96 -29.12 26.83
N GLU B 107 4.97 -29.69 27.54
CA GLU B 107 4.90 -29.97 28.97
C GLU B 107 4.76 -28.68 29.79
N ALA B 108 5.64 -27.69 29.49
CA ALA B 108 5.69 -26.40 30.17
C ALA B 108 4.35 -25.66 30.06
N ILE B 109 3.74 -25.70 28.86
CA ILE B 109 2.45 -25.08 28.56
C ILE B 109 1.36 -25.78 29.38
N LEU B 110 1.33 -27.12 29.30
CA LEU B 110 0.39 -28.01 29.98
C LEU B 110 0.40 -27.76 31.49
N ARG B 111 1.57 -27.54 32.06
CA ARG B 111 1.72 -27.30 33.49
C ARG B 111 1.08 -25.97 33.90
N ALA B 112 1.42 -24.88 33.17
CA ALA B 112 0.91 -23.53 33.46
C ALA B 112 -0.61 -23.46 33.43
N ALA B 113 -1.23 -24.02 32.37
CA ALA B 113 -2.67 -24.04 32.20
C ALA B 113 -3.37 -24.83 33.32
N HIS B 114 -2.92 -26.07 33.57
CA HIS B 114 -3.49 -26.94 34.60
C HIS B 114 -3.43 -26.28 35.98
N ALA B 115 -2.28 -25.66 36.32
CA ALA B 115 -2.08 -24.99 37.61
C ALA B 115 -2.92 -23.74 37.73
N HIS B 116 -3.01 -22.92 36.67
CA HIS B 116 -3.76 -21.65 36.70
C HIS B 116 -5.24 -21.84 37.05
N TYR B 117 -5.92 -22.78 36.38
CA TYR B 117 -7.35 -23.00 36.54
C TYR B 117 -7.65 -23.84 37.78
N GLY B 118 -6.78 -24.82 38.07
CA GLY B 118 -6.92 -25.68 39.24
C GLY B 118 -8.16 -26.56 39.19
N GLU B 119 -9.07 -26.35 40.16
CA GLU B 119 -10.30 -27.12 40.27
C GLU B 119 -11.37 -26.64 39.29
N ASP B 120 -11.46 -25.32 39.06
CA ASP B 120 -12.45 -24.71 38.16
C ASP B 120 -11.90 -24.68 36.72
N ALA B 121 -12.32 -25.67 35.91
CA ALA B 121 -11.90 -25.80 34.51
C ALA B 121 -12.62 -24.80 33.63
N PRO B 122 -11.95 -24.33 32.54
CA PRO B 122 -12.63 -23.40 31.61
C PRO B 122 -13.65 -24.15 30.76
N ASP B 123 -14.48 -23.42 30.00
CA ASP B 123 -15.51 -24.06 29.16
C ASP B 123 -14.95 -24.67 27.88
N LEU B 124 -13.88 -24.09 27.32
CA LEU B 124 -13.30 -24.55 26.07
C LEU B 124 -11.78 -24.47 26.08
N VAL B 125 -11.14 -25.40 25.36
CA VAL B 125 -9.71 -25.44 25.20
C VAL B 125 -9.39 -25.02 23.77
N LEU B 126 -8.93 -23.78 23.60
CA LEU B 126 -8.56 -23.28 22.28
C LEU B 126 -7.04 -23.39 22.16
N TYR B 127 -6.56 -24.35 21.38
CA TYR B 127 -5.11 -24.56 21.30
C TYR B 127 -4.56 -24.40 19.90
N GLY B 128 -3.34 -23.87 19.83
CA GLY B 128 -2.61 -23.69 18.58
C GLY B 128 -2.20 -25.01 17.97
N GLU B 129 -1.93 -25.04 16.65
CA GLU B 129 -1.57 -26.27 15.94
C GLU B 129 -0.16 -26.77 16.27
N VAL B 130 0.55 -26.11 17.19
CA VAL B 130 1.86 -26.55 17.68
C VAL B 130 1.67 -27.29 19.05
N PRO B 131 1.18 -26.66 20.15
CA PRO B 131 1.01 -27.41 21.41
C PRO B 131 -0.24 -28.32 21.40
N ILE B 132 -0.29 -29.28 20.47
CA ILE B 132 -1.46 -30.16 20.33
C ILE B 132 -1.46 -31.25 21.42
N ILE B 133 -0.29 -31.57 21.97
CA ILE B 133 -0.21 -32.57 23.03
C ILE B 133 -0.79 -31.92 24.31
N ALA B 134 -0.32 -30.70 24.63
CA ALA B 134 -0.78 -29.88 25.75
C ALA B 134 -2.29 -29.62 25.67
N GLY B 135 -2.77 -29.24 24.49
CA GLY B 135 -4.16 -28.89 24.26
C GLY B 135 -5.12 -30.04 24.48
N GLN B 136 -4.78 -31.19 23.89
CA GLN B 136 -5.60 -32.41 23.98
C GLN B 136 -5.53 -33.02 25.37
N ALA B 137 -4.36 -32.95 26.04
CA ALA B 137 -4.21 -33.46 27.41
C ALA B 137 -5.11 -32.70 28.37
N LEU B 138 -5.13 -31.35 28.23
CA LEU B 138 -5.95 -30.46 29.05
C LEU B 138 -7.43 -30.75 28.86
N ALA B 139 -7.88 -30.84 27.59
CA ALA B 139 -9.26 -31.13 27.24
C ALA B 139 -9.72 -32.44 27.86
N ALA B 140 -8.87 -33.49 27.83
CA ALA B 140 -9.12 -34.81 28.39
C ALA B 140 -9.17 -34.79 29.93
N VAL B 141 -8.20 -34.09 30.56
CA VAL B 141 -8.11 -33.94 32.01
C VAL B 141 -9.38 -33.20 32.51
N TRP B 142 -9.64 -32.00 31.98
CA TRP B 142 -10.77 -31.14 32.34
C TRP B 142 -12.12 -31.70 31.85
N LYS B 143 -12.11 -32.71 30.95
CA LYS B 143 -13.28 -33.29 30.27
C LYS B 143 -14.07 -32.15 29.60
N ARG B 144 -13.38 -31.43 28.68
CA ARG B 144 -13.92 -30.24 28.03
C ARG B 144 -13.76 -30.25 26.51
N PRO B 145 -14.69 -29.60 25.76
CA PRO B 145 -14.53 -29.52 24.29
C PRO B 145 -13.29 -28.73 23.93
N ALA B 146 -12.64 -29.09 22.84
CA ALA B 146 -11.45 -28.39 22.41
C ALA B 146 -11.58 -27.95 20.95
N CYS B 147 -10.77 -26.96 20.55
CA CYS B 147 -10.73 -26.40 19.21
C CYS B 147 -9.30 -26.04 18.89
N ARG B 148 -8.83 -26.46 17.72
CA ARG B 148 -7.48 -26.17 17.26
C ARG B 148 -7.48 -24.91 16.41
N ILE B 149 -6.41 -24.08 16.51
CA ILE B 149 -6.27 -22.90 15.65
C ILE B 149 -5.09 -23.15 14.71
N ASN B 150 -5.39 -23.21 13.41
CA ASN B 150 -4.41 -23.39 12.33
C ASN B 150 -4.22 -22.03 11.66
N PRO B 151 -3.12 -21.30 11.96
CA PRO B 151 -2.92 -19.99 11.33
C PRO B 151 -2.71 -20.13 9.82
N GLY B 152 -2.09 -21.23 9.40
CA GLY B 152 -1.83 -21.61 8.02
C GLY B 152 -2.66 -22.79 7.57
N PHE B 153 -2.06 -23.72 6.78
CA PHE B 153 -2.76 -24.88 6.23
C PHE B 153 -3.26 -25.88 7.29
N ALA B 154 -4.46 -26.44 7.06
CA ALA B 154 -5.09 -27.45 7.92
C ALA B 154 -4.68 -28.85 7.42
N SER B 155 -4.60 -29.81 8.36
CA SER B 155 -4.22 -31.18 8.07
C SER B 155 -5.39 -32.14 8.34
N ASN B 156 -5.51 -33.16 7.50
CA ASN B 156 -6.49 -34.23 7.68
C ASN B 156 -5.86 -35.52 7.25
N HIS B 157 -6.63 -36.59 7.10
CA HIS B 157 -6.04 -37.85 6.72
C HIS B 157 -5.69 -37.92 5.20
N VAL B 158 -6.13 -36.93 4.36
CA VAL B 158 -5.82 -36.86 2.93
C VAL B 158 -4.51 -36.07 2.76
N TYR B 159 -4.48 -34.77 3.20
CA TYR B 159 -3.29 -33.90 3.19
C TYR B 159 -2.90 -33.54 4.64
N SER B 160 -1.61 -33.71 4.98
CA SER B 160 -1.03 -33.36 6.27
C SER B 160 0.15 -32.35 6.12
N TYR B 161 -0.04 -31.08 6.57
CA TYR B 161 1.06 -30.09 6.56
C TYR B 161 2.17 -30.53 7.55
N SER B 162 1.76 -31.02 8.75
CA SER B 162 2.64 -31.52 9.79
C SER B 162 3.66 -32.51 9.22
N ARG B 163 3.14 -33.60 8.63
CA ARG B 163 3.91 -34.68 8.05
C ARG B 163 4.76 -34.24 6.88
N GLU B 164 4.39 -33.16 6.19
CA GLU B 164 5.21 -32.73 5.05
C GLU B 164 6.55 -32.16 5.50
N MET B 165 6.56 -31.31 6.54
CA MET B 165 7.79 -30.70 7.02
C MET B 165 8.73 -31.75 7.58
N ILE B 166 8.22 -32.66 8.44
CA ILE B 166 9.00 -33.77 9.00
C ILE B 166 9.74 -34.54 7.87
N GLU B 167 9.03 -34.85 6.77
CA GLU B 167 9.57 -35.60 5.63
C GLU B 167 10.48 -34.73 4.69
N GLU B 168 10.49 -33.39 4.88
CA GLU B 168 11.35 -32.48 4.10
C GLU B 168 12.70 -32.29 4.82
N THR B 169 12.66 -32.15 6.15
CA THR B 169 13.83 -31.98 7.03
C THR B 169 14.74 -33.24 7.04
N GLY B 170 14.25 -34.35 6.50
CA GLY B 170 14.96 -35.62 6.43
C GLY B 170 14.20 -36.83 6.93
N GLY B 171 12.98 -36.62 7.43
CA GLY B 171 12.15 -37.68 7.98
C GLY B 171 12.63 -38.15 9.34
N VAL B 172 11.99 -39.19 9.90
CA VAL B 172 12.40 -39.72 11.21
C VAL B 172 12.71 -41.23 11.13
N ASP B 173 13.93 -41.61 11.54
CA ASP B 173 14.41 -42.99 11.56
C ASP B 173 13.82 -43.76 12.75
N GLU B 174 13.88 -45.11 12.72
CA GLU B 174 13.34 -45.98 13.78
C GLU B 174 13.92 -45.64 15.17
N ARG B 175 15.20 -45.19 15.22
CA ARG B 175 15.87 -44.80 16.46
C ARG B 175 15.19 -43.57 17.07
N THR B 176 15.09 -42.47 16.29
CA THR B 176 14.47 -41.20 16.70
C THR B 176 12.97 -41.42 16.94
N ARG B 177 12.30 -42.14 16.02
CA ARG B 177 10.86 -42.46 16.10
C ARG B 177 10.55 -43.40 17.27
N GLY B 178 11.57 -43.75 18.05
CA GLY B 178 11.47 -44.57 19.24
C GLY B 178 11.64 -43.72 20.48
N VAL B 179 12.70 -42.86 20.48
CA VAL B 179 13.04 -41.90 21.53
C VAL B 179 11.85 -40.95 21.80
N VAL B 180 11.32 -40.34 20.72
CA VAL B 180 10.23 -39.38 20.74
C VAL B 180 8.91 -40.06 21.15
N ASP B 181 8.62 -41.28 20.62
CA ASP B 181 7.38 -42.01 20.91
C ASP B 181 7.26 -42.37 22.38
N ALA B 182 8.40 -42.69 23.01
CA ALA B 182 8.47 -43.06 24.41
C ALA B 182 8.33 -41.84 25.31
N ARG B 183 9.09 -40.75 25.01
CA ARG B 183 9.06 -39.48 25.75
C ARG B 183 7.64 -38.86 25.74
N LEU B 184 6.88 -39.08 24.63
CA LEU B 184 5.51 -38.61 24.50
C LEU B 184 4.59 -39.41 25.44
N ALA B 185 4.66 -40.76 25.37
CA ALA B 185 3.88 -41.68 26.19
C ALA B 185 4.20 -41.55 27.69
N ASP B 186 5.45 -41.14 28.02
CA ASP B 186 5.91 -40.88 29.40
C ASP B 186 5.25 -39.62 29.95
N LEU B 187 5.19 -38.56 29.11
CA LEU B 187 4.60 -37.26 29.41
C LEU B 187 3.08 -37.39 29.67
N LEU B 188 2.38 -38.07 28.73
CA LEU B 188 0.94 -38.33 28.77
C LEU B 188 0.55 -39.10 30.01
N ALA B 189 1.39 -40.08 30.40
CA ALA B 189 1.21 -40.90 31.59
C ALA B 189 1.13 -40.06 32.88
N GLY B 190 1.93 -38.98 32.99
CA GLY B 190 1.95 -38.10 34.15
C GLY B 190 0.61 -37.43 34.47
N TYR B 191 -0.37 -37.66 33.59
CA TYR B 191 -1.74 -37.15 33.65
C TYR B 191 -2.72 -38.33 33.47
N GLY B 192 -2.17 -39.56 33.41
CA GLY B 192 -2.91 -40.80 33.22
C GLY B 192 -3.48 -40.93 31.83
N LEU B 193 -2.67 -40.69 30.79
CA LEU B 193 -3.13 -40.72 29.39
C LEU B 193 -2.14 -41.42 28.43
N ARG B 194 -1.26 -42.30 28.98
CA ARG B 194 -0.29 -43.09 28.21
C ARG B 194 -0.96 -43.82 27.03
N ASP B 195 -2.16 -44.38 27.28
CA ASP B 195 -2.98 -45.16 26.34
C ASP B 195 -3.45 -44.38 25.09
N ARG B 196 -3.43 -43.03 25.15
CA ARG B 196 -3.85 -42.16 24.05
C ARG B 196 -2.65 -41.44 23.41
N ALA B 197 -1.49 -42.13 23.33
CA ALA B 197 -0.24 -41.61 22.77
C ALA B 197 -0.37 -41.32 21.29
N GLY B 198 -0.57 -42.37 20.50
CA GLY B 198 -0.73 -42.26 19.05
C GLY B 198 -2.08 -41.67 18.67
N GLU B 199 -3.02 -41.64 19.62
CA GLU B 199 -4.35 -41.07 19.41
C GLU B 199 -4.21 -39.57 19.22
N PHE B 200 -3.58 -38.89 20.17
CA PHE B 200 -3.40 -37.44 20.12
C PHE B 200 -2.52 -37.01 18.93
N ALA B 201 -1.43 -37.77 18.66
CA ALA B 201 -0.48 -37.49 17.59
C ALA B 201 -1.08 -37.60 16.18
N GLU B 202 -2.12 -38.43 16.01
CA GLU B 202 -2.74 -38.71 14.71
C GLU B 202 -4.12 -38.09 14.49
N ARG B 203 -4.96 -37.98 15.56
CA ARG B 203 -6.35 -37.55 15.45
C ARG B 203 -6.57 -36.08 15.02
N VAL B 204 -7.76 -35.87 14.44
CA VAL B 204 -8.28 -34.61 13.95
C VAL B 204 -9.23 -34.07 15.01
N GLU B 205 -9.05 -32.78 15.40
CA GLU B 205 -9.88 -32.12 16.40
C GLU B 205 -11.34 -31.98 15.91
N ASP B 206 -12.30 -32.01 16.86
CA ASP B 206 -13.74 -31.93 16.58
C ASP B 206 -14.12 -30.58 15.98
N LEU B 207 -13.26 -29.57 16.16
CA LEU B 207 -13.42 -28.25 15.56
C LEU B 207 -12.05 -27.63 15.29
N ASN B 208 -11.90 -26.95 14.13
CA ASN B 208 -10.65 -26.30 13.76
C ASN B 208 -10.90 -24.94 13.14
N LEU B 209 -10.31 -23.89 13.72
CA LEU B 209 -10.34 -22.56 13.11
C LEU B 209 -9.14 -22.46 12.21
N VAL B 210 -9.38 -22.30 10.90
CA VAL B 210 -8.29 -22.21 9.95
C VAL B 210 -8.24 -20.78 9.48
N LEU B 211 -7.06 -20.14 9.67
CA LEU B 211 -6.90 -18.71 9.41
C LEU B 211 -6.44 -18.40 7.99
N ILE B 212 -6.99 -19.12 7.02
CA ILE B 212 -6.76 -18.91 5.58
C ILE B 212 -8.10 -19.14 4.86
N PRO B 213 -8.34 -18.56 3.66
CA PRO B 213 -9.60 -18.87 2.95
C PRO B 213 -9.57 -20.32 2.43
N ARG B 214 -10.75 -21.00 2.44
CA ARG B 214 -10.88 -22.38 1.98
C ARG B 214 -10.17 -22.60 0.64
N GLU B 215 -10.36 -21.66 -0.31
CA GLU B 215 -9.80 -21.70 -1.68
C GLU B 215 -8.27 -21.79 -1.72
N PHE B 216 -7.54 -21.32 -0.68
CA PHE B 216 -6.09 -21.42 -0.68
C PHE B 216 -5.61 -22.79 -0.14
N GLN B 217 -6.46 -23.46 0.68
CA GLN B 217 -6.14 -24.74 1.31
C GLN B 217 -5.90 -25.85 0.28
N ILE B 218 -4.82 -26.64 0.50
CA ILE B 218 -4.49 -27.81 -0.34
C ILE B 218 -5.55 -28.89 -0.10
N ALA B 219 -6.07 -29.51 -1.18
CA ALA B 219 -7.11 -30.56 -1.16
C ALA B 219 -8.32 -30.10 -0.34
N GLN B 220 -8.71 -28.84 -0.51
CA GLN B 220 -9.75 -28.16 0.28
C GLN B 220 -11.09 -28.90 0.31
N ASP B 221 -11.51 -29.55 -0.78
CA ASP B 221 -12.79 -30.24 -0.81
C ASP B 221 -12.80 -31.52 0.05
N THR B 222 -11.65 -31.92 0.58
CA THR B 222 -11.56 -33.11 1.43
C THR B 222 -11.79 -32.74 2.90
N PHE B 223 -11.74 -31.44 3.24
CA PHE B 223 -11.93 -30.95 4.61
C PHE B 223 -13.40 -30.80 4.93
N ASP B 224 -13.88 -31.62 5.89
CA ASP B 224 -15.29 -31.69 6.28
C ASP B 224 -15.74 -30.55 7.25
N GLU B 225 -16.93 -30.73 7.88
CA GLU B 225 -17.61 -29.82 8.84
C GLU B 225 -16.75 -29.43 10.06
N ARG B 226 -15.75 -30.25 10.43
CA ARG B 226 -14.85 -30.01 11.56
C ARG B 226 -13.88 -28.83 11.32
N PHE B 227 -13.83 -28.27 10.10
CA PHE B 227 -12.91 -27.19 9.78
C PHE B 227 -13.64 -25.94 9.33
N ALA B 228 -13.35 -24.81 10.00
CA ALA B 228 -13.92 -23.51 9.62
C ALA B 228 -12.81 -22.67 9.02
N PHE B 229 -12.91 -22.37 7.71
CA PHE B 229 -11.90 -21.58 7.02
C PHE B 229 -12.33 -20.13 7.06
N VAL B 230 -11.98 -19.46 8.16
CA VAL B 230 -12.37 -18.08 8.49
C VAL B 230 -11.39 -17.03 7.99
N GLY B 231 -10.23 -17.45 7.49
CA GLY B 231 -9.23 -16.51 6.99
C GLY B 231 -8.66 -15.60 8.05
N ARG B 232 -8.49 -14.30 7.74
CA ARG B 232 -7.87 -13.35 8.66
C ARG B 232 -8.58 -11.99 8.66
N SER B 233 -8.79 -11.40 9.86
CA SER B 233 -9.39 -10.08 10.10
C SER B 233 -10.67 -9.85 9.26
N GLY B 241 0.61 3.89 11.51
CA GLY B 241 1.74 3.56 10.64
C GLY B 241 2.07 4.66 9.64
N THR B 242 3.18 5.40 9.88
CA THR B 242 3.60 6.53 9.04
C THR B 242 4.84 6.18 8.15
N TRP B 243 4.56 5.76 6.90
CA TRP B 243 5.53 5.48 5.84
C TRP B 243 4.99 6.09 4.55
N ARG B 244 5.81 6.88 3.86
CA ARG B 244 5.30 7.48 2.64
C ARG B 244 5.82 6.78 1.37
N PRO B 245 4.92 6.46 0.40
CA PRO B 245 5.40 5.92 -0.89
C PRO B 245 5.98 7.02 -1.79
N PRO B 246 6.73 6.65 -2.85
CA PRO B 246 7.23 7.71 -3.77
C PRO B 246 6.06 8.41 -4.49
N GLU B 247 6.17 9.72 -4.68
CA GLU B 247 5.09 10.52 -5.29
C GLU B 247 5.21 10.62 -6.82
N ASP B 248 6.39 10.31 -7.39
CA ASP B 248 6.70 10.46 -8.82
C ASP B 248 5.97 9.47 -9.73
N GLY B 249 5.50 8.36 -9.16
CA GLY B 249 4.79 7.37 -9.93
C GLY B 249 5.60 6.12 -10.16
N SER B 250 6.76 6.02 -9.49
CA SER B 250 7.66 4.86 -9.57
C SER B 250 6.94 3.59 -9.08
N PRO B 251 7.01 2.48 -9.85
CA PRO B 251 6.41 1.21 -9.38
C PRO B 251 7.16 0.71 -8.15
N VAL B 252 6.41 0.26 -7.13
CA VAL B 252 6.99 -0.18 -5.86
C VAL B 252 6.94 -1.68 -5.71
N VAL B 253 8.03 -2.24 -5.17
CA VAL B 253 8.20 -3.65 -4.84
C VAL B 253 8.72 -3.74 -3.42
N LEU B 254 8.03 -4.52 -2.60
CA LEU B 254 8.41 -4.77 -1.22
C LEU B 254 9.15 -6.09 -1.16
N ILE B 255 10.34 -6.09 -0.55
CA ILE B 255 11.19 -7.27 -0.40
C ILE B 255 11.36 -7.57 1.08
N SER B 256 10.76 -8.69 1.54
CA SER B 256 10.87 -9.16 2.92
C SER B 256 11.13 -10.65 2.93
N LEU B 257 12.41 -11.01 2.98
CA LEU B 257 12.85 -12.41 2.98
C LEU B 257 13.19 -12.89 4.41
N GLY B 258 13.73 -14.11 4.52
CA GLY B 258 14.04 -14.75 5.79
C GLY B 258 15.17 -14.16 6.61
N THR B 259 15.74 -15.00 7.50
CA THR B 259 16.84 -14.63 8.39
C THR B 259 18.16 -15.01 7.70
N THR B 260 18.47 -14.28 6.61
CA THR B 260 19.66 -14.48 5.76
C THR B 260 20.37 -13.14 5.48
N PHE B 261 21.72 -13.14 5.57
CA PHE B 261 22.58 -11.99 5.31
C PHE B 261 23.92 -12.43 4.72
N TYR B 268 21.25 -10.35 -0.18
CA TYR B 268 20.25 -9.27 -0.17
C TYR B 268 20.80 -8.00 -0.81
N ARG B 269 22.12 -7.79 -0.75
CA ARG B 269 22.77 -6.64 -1.40
C ARG B 269 22.69 -6.79 -2.93
N GLN B 270 22.45 -8.03 -3.40
CA GLN B 270 22.27 -8.40 -4.80
C GLN B 270 21.03 -7.72 -5.39
N CYS B 271 19.95 -7.65 -4.58
CA CYS B 271 18.66 -7.04 -4.94
C CYS B 271 18.83 -5.55 -5.17
N ALA B 272 19.59 -4.88 -4.27
CA ALA B 272 19.82 -3.45 -4.40
C ALA B 272 20.60 -3.15 -5.68
N GLU B 273 21.64 -3.95 -5.97
CA GLU B 273 22.45 -3.80 -7.17
C GLU B 273 21.68 -4.21 -8.44
N ALA B 274 20.70 -5.12 -8.29
CA ALA B 274 19.86 -5.60 -9.39
C ALA B 274 18.88 -4.51 -9.85
N PHE B 275 18.20 -3.85 -8.91
CA PHE B 275 17.22 -2.82 -9.22
C PHE B 275 17.83 -1.42 -9.40
N ALA B 276 19.17 -1.32 -9.27
CA ALA B 276 19.89 -0.05 -9.50
C ALA B 276 19.75 0.36 -10.97
N GLY B 277 19.35 1.62 -11.19
CA GLY B 277 19.17 2.18 -12.52
C GLY B 277 17.84 1.87 -13.17
N THR B 278 17.03 1.02 -12.53
CA THR B 278 15.71 0.63 -13.01
C THR B 278 14.66 1.64 -12.49
N PRO B 279 13.44 1.73 -13.08
CA PRO B 279 12.45 2.70 -12.59
C PRO B 279 11.73 2.23 -11.31
N TRP B 280 12.10 1.05 -10.78
CA TRP B 280 11.51 0.49 -9.57
C TRP B 280 11.91 1.23 -8.31
N HIS B 281 10.97 1.33 -7.36
CA HIS B 281 11.23 1.80 -6.00
C HIS B 281 11.20 0.56 -5.11
N VAL B 282 12.34 0.24 -4.48
CA VAL B 282 12.49 -0.97 -3.69
C VAL B 282 12.45 -0.68 -2.21
N VAL B 283 11.49 -1.30 -1.51
CA VAL B 283 11.39 -1.20 -0.06
C VAL B 283 11.93 -2.52 0.48
N MET B 284 12.99 -2.47 1.29
CA MET B 284 13.61 -3.67 1.84
C MET B 284 13.45 -3.76 3.35
N ALA B 285 12.94 -4.90 3.83
CA ALA B 285 12.70 -5.18 5.24
C ALA B 285 13.79 -6.14 5.76
N LEU B 286 14.53 -5.71 6.81
CA LEU B 286 15.66 -6.45 7.36
C LEU B 286 15.39 -6.89 8.81
N GLY B 296 25.52 -1.72 2.91
CA GLY B 296 26.04 -0.39 3.20
C GLY B 296 25.63 0.65 2.17
N PRO B 297 26.26 0.67 0.97
CA PRO B 297 25.89 1.67 -0.05
C PRO B 297 24.69 1.23 -0.90
N LEU B 298 23.59 2.01 -0.83
CA LEU B 298 22.34 1.74 -1.54
C LEU B 298 22.10 2.71 -2.69
N PRO B 299 21.45 2.26 -3.79
CA PRO B 299 21.07 3.20 -4.86
C PRO B 299 19.94 4.13 -4.38
N PRO B 300 19.68 5.29 -5.02
CA PRO B 300 18.63 6.19 -4.51
C PRO B 300 17.21 5.62 -4.52
N ASN B 301 16.92 4.68 -5.44
CA ASN B 301 15.61 4.07 -5.59
C ASN B 301 15.37 2.91 -4.61
N VAL B 302 16.42 2.45 -3.91
CA VAL B 302 16.31 1.36 -2.94
C VAL B 302 16.27 1.92 -1.50
N GLU B 303 15.18 1.59 -0.80
CA GLU B 303 14.84 2.00 0.56
C GLU B 303 15.04 0.81 1.50
N ALA B 304 15.72 0.99 2.65
CA ALA B 304 15.96 -0.11 3.59
C ALA B 304 15.56 0.24 5.01
N HIS B 305 14.92 -0.71 5.70
CA HIS B 305 14.44 -0.60 7.08
C HIS B 305 14.60 -1.92 7.81
N ARG B 306 14.85 -1.89 9.14
CA ARG B 306 14.95 -3.12 9.93
C ARG B 306 13.56 -3.73 10.10
N TRP B 307 12.57 -2.89 10.42
CA TRP B 307 11.19 -3.35 10.53
C TRP B 307 10.31 -2.55 9.59
N VAL B 308 9.32 -3.22 8.98
CA VAL B 308 8.35 -2.64 8.05
C VAL B 308 6.95 -3.26 8.27
N SER B 309 5.89 -2.44 8.20
CA SER B 309 4.51 -2.95 8.26
C SER B 309 4.10 -3.39 6.85
N LEU B 310 4.20 -4.70 6.57
CA LEU B 310 3.87 -5.27 5.26
C LEU B 310 2.50 -4.77 4.73
N PRO B 311 1.39 -4.84 5.51
CA PRO B 311 0.11 -4.31 4.99
C PRO B 311 0.11 -2.82 4.62
N ALA B 312 0.85 -2.00 5.37
CA ALA B 312 0.94 -0.55 5.12
C ALA B 312 1.65 -0.24 3.81
N VAL B 313 2.76 -0.96 3.53
CA VAL B 313 3.55 -0.78 2.32
C VAL B 313 2.83 -1.39 1.10
N LEU B 314 2.20 -2.58 1.27
CA LEU B 314 1.48 -3.27 0.18
C LEU B 314 0.28 -2.46 -0.34
N GLU B 315 -0.20 -1.48 0.44
CA GLU B 315 -1.27 -0.58 0.02
C GLU B 315 -0.75 0.30 -1.15
N HIS B 316 0.58 0.49 -1.17
CA HIS B 316 1.28 1.31 -2.14
C HIS B 316 2.42 0.57 -2.88
N ALA B 317 2.33 -0.76 -3.03
CA ALA B 317 3.29 -1.58 -3.80
C ALA B 317 2.52 -2.56 -4.68
N ARG B 318 2.99 -2.79 -5.90
CA ARG B 318 2.29 -3.69 -6.83
C ARG B 318 2.75 -5.15 -6.72
N LEU B 319 3.79 -5.46 -5.92
CA LEU B 319 4.33 -6.82 -5.80
C LEU B 319 5.08 -7.01 -4.50
N LEU B 320 5.00 -8.23 -3.91
CA LEU B 320 5.73 -8.61 -2.70
C LEU B 320 6.73 -9.73 -3.02
N VAL B 321 7.98 -9.55 -2.59
CA VAL B 321 9.00 -10.60 -2.70
C VAL B 321 9.10 -11.18 -1.30
N THR B 322 8.63 -12.42 -1.14
CA THR B 322 8.52 -13.03 0.18
C THR B 322 9.25 -14.35 0.32
N HIS B 323 9.61 -14.70 1.57
CA HIS B 323 10.25 -15.95 1.93
C HIS B 323 9.22 -17.10 1.94
N GLY B 324 7.92 -16.75 1.99
CA GLY B 324 6.84 -17.72 1.91
C GLY B 324 5.97 -17.95 3.14
N GLY B 325 6.26 -17.24 4.23
CA GLY B 325 5.49 -17.33 5.48
C GLY B 325 4.03 -17.05 5.25
N ILE B 326 3.14 -17.86 5.87
CA ILE B 326 1.70 -17.73 5.66
C ILE B 326 1.16 -16.32 6.06
N GLY B 327 1.78 -15.68 7.06
CA GLY B 327 1.44 -14.32 7.48
C GLY B 327 1.67 -13.30 6.38
N ALA B 328 2.81 -13.42 5.68
CA ALA B 328 3.22 -12.56 4.58
C ALA B 328 2.40 -12.86 3.32
N VAL B 329 2.17 -14.15 3.03
CA VAL B 329 1.35 -14.62 1.90
C VAL B 329 -0.07 -14.09 2.09
N MET B 330 -0.62 -14.16 3.32
CA MET B 330 -1.96 -13.65 3.65
C MET B 330 -2.02 -12.17 3.45
N ASP B 331 -0.93 -11.47 3.77
CA ASP B 331 -0.86 -10.03 3.63
C ASP B 331 -1.01 -9.67 2.16
N ALA B 332 -0.19 -10.29 1.29
CA ALA B 332 -0.24 -10.08 -0.15
C ALA B 332 -1.65 -10.39 -0.71
N LEU B 333 -2.22 -11.54 -0.33
CA LEU B 333 -3.54 -11.96 -0.77
C LEU B 333 -4.61 -10.95 -0.40
N THR B 334 -4.57 -10.41 0.82
CA THR B 334 -5.53 -9.41 1.32
C THR B 334 -5.37 -8.09 0.56
N ALA B 335 -4.11 -7.75 0.21
CA ALA B 335 -3.79 -6.52 -0.51
C ALA B 335 -4.02 -6.68 -2.03
N GLY B 336 -4.24 -7.92 -2.49
CA GLY B 336 -4.45 -8.23 -3.89
C GLY B 336 -3.18 -8.03 -4.69
N ARG B 337 -2.05 -8.49 -4.14
CA ARG B 337 -0.79 -8.31 -4.81
C ARG B 337 -0.15 -9.65 -5.14
N PRO B 338 0.31 -9.87 -6.40
CA PRO B 338 1.02 -11.11 -6.71
C PRO B 338 2.36 -11.15 -5.97
N MET B 339 2.91 -12.34 -5.78
CA MET B 339 4.17 -12.39 -5.05
C MET B 339 5.19 -13.29 -5.71
N VAL B 340 6.46 -13.00 -5.44
CA VAL B 340 7.61 -13.80 -5.87
C VAL B 340 8.07 -14.49 -4.59
N VAL B 341 7.95 -15.83 -4.53
CA VAL B 341 8.32 -16.61 -3.35
C VAL B 341 9.70 -17.23 -3.54
N VAL B 342 10.58 -17.02 -2.57
CA VAL B 342 11.90 -17.62 -2.54
C VAL B 342 11.94 -18.46 -1.26
N PRO B 343 11.65 -19.78 -1.36
CA PRO B 343 11.59 -20.61 -0.15
C PRO B 343 12.96 -21.11 0.32
N PHE B 344 13.52 -20.45 1.34
CA PHE B 344 14.80 -20.80 1.94
C PHE B 344 14.69 -21.91 2.98
N THR B 345 13.54 -22.00 3.66
CA THR B 345 13.28 -22.96 4.74
C THR B 345 12.26 -24.00 4.31
N PHE B 346 12.23 -25.13 5.02
CA PHE B 346 11.34 -26.26 4.76
C PHE B 346 9.86 -25.97 5.04
N ASP B 347 9.57 -25.16 6.07
CA ASP B 347 8.21 -24.87 6.53
C ASP B 347 7.36 -24.11 5.51
N VAL B 348 8.00 -23.41 4.54
CA VAL B 348 7.30 -22.54 3.58
C VAL B 348 7.09 -23.20 2.21
N LYS B 349 7.75 -24.35 1.97
CA LYS B 349 7.68 -25.11 0.73
C LYS B 349 6.22 -25.42 0.33
N PRO B 350 5.30 -25.92 1.21
CA PRO B 350 3.89 -26.10 0.78
C PRO B 350 3.23 -24.80 0.34
N MET B 351 3.51 -23.65 1.01
CA MET B 351 2.94 -22.35 0.63
C MET B 351 3.48 -21.92 -0.71
N ALA B 352 4.79 -22.07 -0.90
CA ALA B 352 5.47 -21.78 -2.16
C ALA B 352 4.85 -22.58 -3.31
N ARG B 353 4.66 -23.89 -3.09
CA ARG B 353 4.06 -24.80 -4.06
C ARG B 353 2.62 -24.36 -4.37
N ARG B 354 1.85 -23.95 -3.33
CA ARG B 354 0.46 -23.54 -3.47
C ARG B 354 0.33 -22.21 -4.22
N VAL B 355 1.22 -21.23 -3.97
CA VAL B 355 1.18 -19.93 -4.67
C VAL B 355 1.39 -20.19 -6.17
N GLY B 356 2.38 -21.03 -6.48
CA GLY B 356 2.71 -21.43 -7.84
C GLY B 356 1.58 -22.16 -8.55
N GLU B 357 1.04 -23.22 -7.95
CA GLU B 357 0.00 -23.99 -8.63
C GLU B 357 -1.31 -23.19 -8.81
N LEU B 358 -1.58 -22.17 -7.98
CA LEU B 358 -2.80 -21.38 -8.14
C LEU B 358 -2.59 -20.18 -9.07
N GLY B 359 -1.32 -19.97 -9.47
CA GLY B 359 -0.91 -18.88 -10.34
C GLY B 359 -1.04 -17.54 -9.66
N LEU B 360 -0.81 -17.50 -8.34
CA LEU B 360 -0.87 -16.27 -7.55
C LEU B 360 0.50 -15.60 -7.49
N GLY B 361 1.47 -16.23 -8.11
CA GLY B 361 2.84 -15.73 -8.14
C GLY B 361 3.83 -16.69 -8.75
N THR B 362 5.12 -16.39 -8.57
CA THR B 362 6.25 -17.12 -9.13
C THR B 362 7.13 -17.63 -8.00
N VAL B 363 7.63 -18.84 -8.15
CA VAL B 363 8.52 -19.41 -7.16
C VAL B 363 9.93 -19.42 -7.72
N VAL B 364 10.85 -18.69 -7.07
CA VAL B 364 12.27 -18.70 -7.44
C VAL B 364 12.99 -19.59 -6.43
N PRO B 365 13.49 -20.79 -6.82
CA PRO B 365 14.17 -21.66 -5.84
C PRO B 365 15.40 -20.99 -5.25
N ALA B 366 15.66 -21.22 -3.96
CA ALA B 366 16.78 -20.63 -3.23
C ALA B 366 18.13 -20.93 -3.88
N ALA B 367 18.24 -22.08 -4.56
CA ALA B 367 19.45 -22.49 -5.28
C ALA B 367 19.67 -21.67 -6.54
N GLU B 368 18.56 -21.20 -7.15
CA GLU B 368 18.56 -20.44 -8.40
C GLU B 368 18.51 -18.92 -8.16
N PHE B 369 18.46 -18.49 -6.89
CA PHE B 369 18.34 -17.07 -6.55
C PHE B 369 19.63 -16.30 -6.79
N THR B 370 19.50 -15.24 -7.62
CA THR B 370 20.50 -14.22 -7.94
C THR B 370 19.74 -12.91 -8.09
N GLY B 371 20.45 -11.79 -8.11
CA GLY B 371 19.84 -10.47 -8.29
C GLY B 371 19.06 -10.36 -9.58
N ALA B 372 19.68 -10.85 -10.69
CA ALA B 372 19.11 -10.87 -12.04
C ALA B 372 17.80 -11.66 -12.12
N ARG B 373 17.79 -12.91 -11.60
CA ARG B 373 16.60 -13.76 -11.61
C ARG B 373 15.43 -13.09 -10.87
N LEU B 374 15.72 -12.43 -9.75
CA LEU B 374 14.69 -11.72 -8.98
C LEU B 374 14.08 -10.58 -9.82
N ARG B 375 14.92 -9.70 -10.38
CA ARG B 375 14.44 -8.59 -11.23
C ARG B 375 13.62 -9.17 -12.40
N GLU B 376 14.14 -10.26 -13.01
CA GLU B 376 13.47 -10.96 -14.10
C GLU B 376 12.08 -11.45 -13.63
N ALA B 377 12.00 -12.08 -12.44
CA ALA B 377 10.76 -12.61 -11.85
C ALA B 377 9.75 -11.51 -11.63
N VAL B 378 10.19 -10.43 -10.94
CA VAL B 378 9.40 -9.26 -10.57
C VAL B 378 8.79 -8.60 -11.81
N GLU B 379 9.64 -8.16 -12.76
CA GLU B 379 9.21 -7.49 -14.00
C GLU B 379 8.25 -8.35 -14.81
N ASP B 380 8.43 -9.67 -14.77
CA ASP B 380 7.60 -10.62 -15.51
C ASP B 380 6.21 -10.74 -14.88
N LEU B 381 6.16 -10.98 -13.57
CA LEU B 381 4.92 -11.13 -12.82
C LEU B 381 4.14 -9.80 -12.67
N ALA B 382 4.88 -8.65 -12.64
CA ALA B 382 4.28 -7.32 -12.50
C ALA B 382 3.43 -6.96 -13.71
N GLY B 383 3.90 -7.34 -14.90
CA GLY B 383 3.21 -7.11 -16.16
C GLY B 383 2.29 -8.23 -16.59
N ASP B 384 2.06 -9.22 -15.71
CA ASP B 384 1.19 -10.37 -16.02
C ASP B 384 -0.25 -10.07 -15.58
N ARG B 385 -1.13 -9.82 -16.55
CA ARG B 385 -2.52 -9.48 -16.28
C ARG B 385 -3.34 -10.71 -15.85
N ALA B 386 -2.95 -11.92 -16.28
CA ALA B 386 -3.60 -13.17 -15.91
C ALA B 386 -3.39 -13.46 -14.43
N ALA B 387 -2.14 -13.35 -13.96
CA ALA B 387 -1.80 -13.53 -12.55
C ALA B 387 -2.56 -12.50 -11.71
N LEU B 388 -2.53 -11.21 -12.10
CA LEU B 388 -3.22 -10.15 -11.38
C LEU B 388 -4.72 -10.46 -11.19
N GLU B 389 -5.41 -10.92 -12.24
CA GLU B 389 -6.83 -11.26 -12.12
C GLU B 389 -7.06 -12.42 -11.16
N ARG B 390 -6.16 -13.42 -11.14
CA ARG B 390 -6.26 -14.53 -10.20
C ARG B 390 -6.06 -14.08 -8.74
N VAL B 391 -5.10 -13.14 -8.52
CA VAL B 391 -4.80 -12.60 -7.20
C VAL B 391 -5.99 -11.80 -6.69
N LEU B 392 -6.58 -11.03 -7.62
CA LEU B 392 -7.76 -10.23 -7.35
C LEU B 392 -8.94 -11.11 -6.97
N ARG B 393 -9.10 -12.27 -7.62
CA ARG B 393 -10.20 -13.15 -7.26
C ARG B 393 -9.93 -13.85 -5.92
N MET B 394 -8.65 -14.11 -5.61
CA MET B 394 -8.25 -14.71 -4.35
C MET B 394 -8.46 -13.72 -3.18
N ARG B 395 -8.31 -12.42 -3.47
CA ARG B 395 -8.54 -11.36 -2.49
C ARG B 395 -10.02 -11.33 -2.06
N GLU B 396 -10.92 -11.55 -3.02
CA GLU B 396 -12.35 -11.58 -2.78
C GLU B 396 -12.68 -12.79 -1.87
N HIS B 397 -12.05 -13.96 -2.14
CA HIS B 397 -12.21 -15.17 -1.32
C HIS B 397 -11.80 -14.91 0.13
N ALA B 398 -10.62 -14.29 0.30
CA ALA B 398 -10.05 -13.93 1.58
C ALA B 398 -11.00 -13.00 2.36
N ALA B 399 -11.61 -12.03 1.67
CA ALA B 399 -12.54 -11.07 2.26
C ALA B 399 -13.85 -11.75 2.71
N ARG B 400 -14.29 -12.75 1.94
CA ARG B 400 -15.52 -13.52 2.15
C ARG B 400 -15.39 -14.58 3.26
N ALA B 401 -14.13 -14.88 3.69
CA ALA B 401 -13.85 -15.92 4.67
C ALA B 401 -14.55 -15.70 6.05
N GLY B 402 -14.76 -14.44 6.44
CA GLY B 402 -15.50 -14.15 7.66
C GLY B 402 -14.69 -13.56 8.80
N GLY B 403 -13.36 -13.75 8.73
CA GLY B 403 -12.42 -13.24 9.73
C GLY B 403 -12.74 -13.61 11.17
N ALA B 404 -12.23 -12.79 12.11
CA ALA B 404 -12.43 -12.96 13.57
C ALA B 404 -13.91 -12.97 13.96
N ALA B 405 -14.77 -12.22 13.25
CA ALA B 405 -16.18 -12.17 13.61
C ALA B 405 -16.85 -13.54 13.44
N ARG B 406 -16.61 -14.21 12.29
CA ARG B 406 -17.15 -15.55 12.02
C ARG B 406 -16.52 -16.59 12.96
N ALA B 407 -15.19 -16.47 13.23
CA ALA B 407 -14.50 -17.37 14.16
C ALA B 407 -15.23 -17.41 15.52
N ALA B 408 -15.58 -16.23 16.05
CA ALA B 408 -16.32 -16.09 17.31
C ALA B 408 -17.71 -16.71 17.19
N ASP B 409 -18.44 -16.43 16.07
CA ASP B 409 -19.75 -17.02 15.77
C ASP B 409 -19.65 -18.56 15.76
N VAL B 410 -18.56 -19.11 15.19
CA VAL B 410 -18.31 -20.55 15.09
C VAL B 410 -18.08 -21.11 16.49
N LEU B 411 -17.17 -20.48 17.26
CA LEU B 411 -16.81 -20.91 18.62
C LEU B 411 -18.00 -20.86 19.58
N GLU B 412 -18.87 -19.85 19.42
CA GLU B 412 -20.08 -19.75 20.24
C GLU B 412 -21.05 -20.85 19.88
N ALA B 413 -21.21 -21.12 18.57
CA ALA B 413 -22.09 -22.17 18.06
C ALA B 413 -21.67 -23.55 18.59
N TYR B 414 -20.36 -23.82 18.57
CA TYR B 414 -19.74 -25.05 19.07
C TYR B 414 -20.06 -25.27 20.56
N LEU B 415 -19.89 -24.22 21.39
CA LEU B 415 -20.13 -24.29 22.82
C LEU B 415 -21.62 -24.33 23.18
N ALA B 416 -22.51 -23.95 22.22
CA ALA B 416 -23.95 -23.99 22.41
C ALA B 416 -24.52 -25.42 22.29
N ARG B 417 -23.74 -26.36 21.70
CA ARG B 417 -24.13 -27.75 21.48
C ARG B 417 -23.29 -28.73 22.33
#